data_6BIT
#
_entry.id   6BIT
#
_cell.length_a   164.966
_cell.length_b   164.966
_cell.length_c   96.716
_cell.angle_alpha   90.00
_cell.angle_beta   90.00
_cell.angle_gamma   120.00
#
_symmetry.space_group_name_H-M   'P 32 2 1'
#
loop_
_entity.id
_entity.type
_entity.pdbx_description
1 polymer 'KWAR23 Fab heavy chain'
2 polymer 'KWAR23 Fab light chain'
3 polymer 'Tyrosine-protein phosphatase non-receptor type substrate 1'
4 water water
#
loop_
_entity_poly.entity_id
_entity_poly.type
_entity_poly.pdbx_seq_one_letter_code
_entity_poly.pdbx_strand_id
1 'polypeptide(L)'
;EVQLQQSGAELVKPGASVKLSCTASGFNIKDYYIHWVQQRTEQGLEWIGRIDPEDGETKYAPKFQDKATITADTSSNTAY
LHLSSLTSEDTAVYYCARWGAYWGQGTLVTVSAAKTTPPSVYPLAPGSAAQTNSMVTLGCLVKGYFPEPVTVTWNSGSLS
SGVHTFPAVLQSDLYTLSSSVTVPSSTWPSETVTCNVAHPASSTKVDKKIVPR
;
I,J
2 'polypeptide(L)'
;(PCA)IVLTQSPAIMSASPGEKVTLTCASSSVSSSYLYWYQQKPGSSPKLWIYSTSNLASGVPARFSGSGSGTSYSLTIS
SMEAEDAASYFCHQWSSYPRTFGAGTKLELKRADAAPTVSIFPPSSEQLTSGGASVVCFLNNFYPKDINVKWKIDGSERQ
NGVLNSWTDQDSKDSTYSMSSTLTLTKDEYERHNSYTCEATHKTSTSPIVKSFNRG
;
K,L
3 'polypeptide(L)'
;EEELQVIQPDKSVLVAAGETATLRCTATSLIPVGPIQWFRGAGPGRELIYNQKEGHFPRVTTVSDLTKRNNMDFSIRIGN
ITPADAGTYYCVKFRKGSPDDVEFKSGAGTELSVRAK
;
H,G
#
# COMPACT_ATOMS: atom_id res chain seq x y z
N GLU A 1 33.18 9.14 -22.91
CA GLU A 1 32.01 8.28 -22.87
C GLU A 1 31.02 8.65 -23.97
N VAL A 2 30.31 7.66 -24.48
CA VAL A 2 29.32 7.87 -25.53
C VAL A 2 28.03 8.37 -24.89
N GLN A 3 27.43 9.40 -25.50
CA GLN A 3 26.20 9.98 -24.97
C GLN A 3 25.44 10.65 -26.11
N LEU A 4 24.12 10.54 -26.07
CA LEU A 4 23.23 11.15 -27.05
C LEU A 4 22.24 12.05 -26.32
N GLN A 5 22.24 13.33 -26.65
CA GLN A 5 21.39 14.32 -26.00
C GLN A 5 20.34 14.80 -27.00
N GLN A 6 19.07 14.54 -26.70
CA GLN A 6 17.96 14.91 -27.57
C GLN A 6 17.33 16.22 -27.11
N SER A 7 16.57 16.82 -28.01
CA SER A 7 15.94 18.12 -27.75
C SER A 7 14.76 17.96 -26.80
N GLY A 8 14.25 19.09 -26.33
CA GLY A 8 13.18 19.09 -25.35
C GLY A 8 11.86 18.65 -25.93
N ALA A 9 10.88 18.51 -25.03
CA ALA A 9 9.55 18.08 -25.42
C ALA A 9 8.90 19.09 -26.35
N GLU A 10 8.07 18.58 -27.26
CA GLU A 10 7.46 19.38 -28.30
C GLU A 10 5.94 19.25 -28.25
N LEU A 11 5.26 20.36 -28.53
CA LEU A 11 3.81 20.39 -28.71
C LEU A 11 3.52 20.87 -30.12
N VAL A 12 2.86 20.03 -30.92
CA VAL A 12 2.59 20.32 -32.31
C VAL A 12 1.09 20.24 -32.54
N LYS A 13 0.55 21.21 -33.27
CA LYS A 13 -0.85 21.15 -33.64
C LYS A 13 -1.04 20.13 -34.77
N PRO A 14 -2.18 19.44 -34.81
CA PRO A 14 -2.37 18.38 -35.80
C PRO A 14 -2.31 18.93 -37.23
N GLY A 15 -1.55 18.24 -38.07
CA GLY A 15 -1.32 18.67 -39.44
C GLY A 15 -0.02 19.42 -39.64
N ALA A 16 0.56 19.97 -38.57
CA ALA A 16 1.80 20.72 -38.66
C ALA A 16 2.98 19.76 -38.64
N SER A 17 4.19 20.30 -38.47
CA SER A 17 5.41 19.50 -38.52
C SER A 17 6.31 19.89 -37.35
N VAL A 18 7.38 19.10 -37.18
CA VAL A 18 8.36 19.35 -36.12
C VAL A 18 9.66 18.67 -36.52
N LYS A 19 10.78 19.23 -36.07
CA LYS A 19 12.09 18.64 -36.27
C LYS A 19 12.74 18.41 -34.91
N LEU A 20 13.03 17.15 -34.61
CA LEU A 20 13.71 16.79 -33.37
C LEU A 20 15.21 16.74 -33.59
N SER A 21 15.97 16.94 -32.52
CA SER A 21 17.42 17.02 -32.60
C SER A 21 18.06 15.97 -31.71
N CYS A 22 19.30 15.61 -32.06
CA CYS A 22 20.06 14.61 -31.31
C CYS A 22 21.55 14.91 -31.50
N THR A 23 22.20 15.40 -30.45
CA THR A 23 23.63 15.71 -30.48
C THR A 23 24.40 14.64 -29.76
N ALA A 24 25.53 14.23 -30.34
CA ALA A 24 26.35 13.16 -29.80
C ALA A 24 27.67 13.68 -29.26
N SER A 25 28.22 12.96 -28.28
CA SER A 25 29.51 13.26 -27.71
C SER A 25 30.24 11.95 -27.40
N GLY A 26 31.57 12.03 -27.33
CA GLY A 26 32.40 10.86 -27.16
C GLY A 26 32.70 10.10 -28.43
N PHE A 27 32.06 10.46 -29.55
CA PHE A 27 32.33 9.82 -30.83
C PHE A 27 31.82 10.76 -31.92
N ASN A 28 32.22 10.47 -33.15
CA ASN A 28 31.79 11.23 -34.32
C ASN A 28 30.70 10.46 -35.03
N ILE A 29 29.55 11.11 -35.25
CA ILE A 29 28.41 10.46 -35.90
C ILE A 29 28.74 10.04 -37.32
N LYS A 30 29.77 10.63 -37.93
CA LYS A 30 30.21 10.23 -39.27
C LYS A 30 30.60 8.76 -39.33
N ASP A 31 30.99 8.17 -38.20
CA ASP A 31 31.52 6.81 -38.18
C ASP A 31 30.47 5.74 -37.94
N TYR A 32 29.22 6.10 -37.65
CA TYR A 32 28.20 5.11 -37.33
C TYR A 32 26.86 5.53 -37.90
N TYR A 33 25.99 4.55 -38.11
CA TYR A 33 24.61 4.83 -38.47
C TYR A 33 23.85 5.37 -37.26
N ILE A 34 23.07 6.43 -37.49
CA ILE A 34 22.26 7.03 -36.43
C ILE A 34 20.80 6.68 -36.68
N HIS A 35 20.18 6.05 -35.70
CA HIS A 35 18.82 5.52 -35.84
C HIS A 35 17.83 6.37 -35.04
N TRP A 36 16.56 6.28 -35.43
CA TRP A 36 15.47 6.94 -34.74
C TRP A 36 14.37 5.93 -34.48
N VAL A 37 13.88 5.91 -33.24
CA VAL A 37 12.86 4.97 -32.80
C VAL A 37 11.74 5.74 -32.12
N GLN A 38 10.49 5.34 -32.36
CA GLN A 38 9.35 5.88 -31.65
C GLN A 38 8.76 4.82 -30.74
N GLN A 39 8.18 5.26 -29.62
CA GLN A 39 7.49 4.37 -28.70
C GLN A 39 6.18 5.02 -28.28
N ARG A 40 5.07 4.39 -28.64
CA ARG A 40 3.75 4.81 -28.19
C ARG A 40 3.33 3.95 -27.01
N THR A 41 2.43 4.50 -26.20
CA THR A 41 1.99 3.82 -24.99
C THR A 41 1.31 2.50 -25.30
N GLU A 42 0.71 2.37 -26.48
CA GLU A 42 -0.07 1.19 -26.83
C GLU A 42 0.45 0.43 -28.04
N GLN A 43 1.60 0.82 -28.60
CA GLN A 43 2.13 0.14 -29.77
C GLN A 43 3.60 -0.25 -29.64
N GLY A 44 4.21 -0.06 -28.48
CA GLY A 44 5.57 -0.51 -28.27
C GLY A 44 6.58 0.30 -29.06
N LEU A 45 7.75 -0.33 -29.27
CA LEU A 45 8.86 0.31 -29.96
C LEU A 45 8.81 0.00 -31.44
N GLU A 46 9.01 1.03 -32.26
CA GLU A 46 8.97 0.91 -33.72
C GLU A 46 10.14 1.65 -34.32
N TRP A 47 10.95 0.95 -35.12
CA TRP A 47 12.08 1.56 -35.78
C TRP A 47 11.62 2.45 -36.93
N ILE A 48 12.02 3.71 -36.91
CA ILE A 48 11.62 4.66 -37.95
C ILE A 48 12.58 4.63 -39.13
N GLY A 49 13.87 4.78 -38.87
CA GLY A 49 14.86 4.77 -39.92
C GLY A 49 16.23 5.06 -39.36
N ARG A 50 17.19 5.16 -40.28
CA ARG A 50 18.56 5.50 -39.93
C ARG A 50 19.17 6.36 -41.03
N ILE A 51 20.32 6.94 -40.72
CA ILE A 51 21.08 7.72 -41.68
C ILE A 51 22.55 7.36 -41.55
N ASP A 52 23.26 7.28 -42.67
CA ASP A 52 24.70 7.23 -42.68
C ASP A 52 25.21 8.66 -42.85
N PRO A 53 25.62 9.32 -41.76
CA PRO A 53 26.05 10.72 -41.89
C PRO A 53 27.28 10.91 -42.77
N GLU A 54 28.00 9.83 -43.09
CA GLU A 54 29.18 9.96 -43.94
C GLU A 54 28.80 10.32 -45.38
N ASP A 55 27.74 9.71 -45.90
CA ASP A 55 27.29 9.99 -47.25
C ASP A 55 25.84 10.48 -47.31
N GLY A 56 25.17 10.62 -46.17
CA GLY A 56 23.80 11.10 -46.16
C GLY A 56 22.75 10.09 -46.56
N GLU A 57 23.13 8.84 -46.78
CA GLU A 57 22.17 7.81 -47.15
C GLU A 57 21.19 7.56 -46.01
N THR A 58 19.90 7.55 -46.32
CA THR A 58 18.86 7.35 -45.33
C THR A 58 18.05 6.11 -45.67
N LYS A 59 17.66 5.37 -44.63
CA LYS A 59 16.74 4.26 -44.76
C LYS A 59 15.53 4.54 -43.88
N TYR A 60 14.39 3.95 -44.25
CA TYR A 60 13.15 4.16 -43.53
C TYR A 60 12.33 2.89 -43.53
N ALA A 61 11.65 2.63 -42.43
CA ALA A 61 10.60 1.63 -42.44
C ALA A 61 9.46 2.12 -43.34
N PRO A 62 8.86 1.23 -44.14
CA PRO A 62 7.80 1.67 -45.07
C PRO A 62 6.64 2.36 -44.38
N LYS A 63 6.43 2.13 -43.08
CA LYS A 63 5.35 2.81 -42.38
C LYS A 63 5.62 4.31 -42.27
N PHE A 64 6.87 4.69 -42.04
CA PHE A 64 7.22 6.08 -41.77
C PHE A 64 7.87 6.78 -42.96
N GLN A 65 7.69 6.25 -44.17
CA GLN A 65 8.44 6.76 -45.32
C GLN A 65 8.08 8.21 -45.62
N ASP A 66 6.84 8.45 -46.04
CA ASP A 66 6.38 9.80 -46.33
C ASP A 66 6.14 10.63 -45.07
N LYS A 67 6.23 10.01 -43.89
CA LYS A 67 6.03 10.72 -42.63
C LYS A 67 7.31 11.25 -42.01
N ALA A 68 8.43 10.54 -42.17
CA ALA A 68 9.68 10.88 -41.51
C ALA A 68 10.74 11.24 -42.53
N THR A 69 11.55 12.24 -42.19
CA THR A 69 12.72 12.62 -42.98
C THR A 69 13.88 12.78 -42.03
N ILE A 70 14.93 11.99 -42.22
CA ILE A 70 16.09 11.98 -41.33
C ILE A 70 17.24 12.70 -42.02
N THR A 71 17.85 13.65 -41.31
CA THR A 71 19.02 14.37 -41.79
C THR A 71 20.09 14.34 -40.71
N ALA A 72 21.33 14.65 -41.10
CA ALA A 72 22.43 14.67 -40.16
C ALA A 72 23.43 15.73 -40.58
N ASP A 73 24.14 16.27 -39.59
CA ASP A 73 25.15 17.31 -39.80
C ASP A 73 26.42 16.87 -39.09
N THR A 74 27.42 16.42 -39.86
CA THR A 74 28.66 15.95 -39.27
C THR A 74 29.43 17.08 -38.58
N SER A 75 29.23 18.31 -39.03
CA SER A 75 29.95 19.44 -38.44
C SER A 75 29.56 19.65 -36.99
N SER A 76 28.25 19.73 -36.73
CA SER A 76 27.74 19.89 -35.36
C SER A 76 27.54 18.55 -34.66
N ASN A 77 27.87 17.45 -35.31
CA ASN A 77 27.74 16.11 -34.72
C ASN A 77 26.31 15.85 -34.26
N THR A 78 25.34 16.24 -35.09
CA THR A 78 23.93 16.23 -34.71
C THR A 78 23.11 15.55 -35.80
N ALA A 79 22.13 14.76 -35.38
CA ALA A 79 21.17 14.14 -36.26
C ALA A 79 19.77 14.71 -36.00
N TYR A 80 18.97 14.79 -37.07
CA TYR A 80 17.66 15.40 -37.00
C TYR A 80 16.60 14.45 -37.52
N LEU A 81 15.39 14.56 -36.97
CA LEU A 81 14.24 13.78 -37.38
C LEU A 81 13.08 14.72 -37.63
N HIS A 82 12.71 14.89 -38.90
CA HIS A 82 11.60 15.75 -39.29
C HIS A 82 10.35 14.91 -39.51
N LEU A 83 9.24 15.34 -38.92
CA LEU A 83 7.97 14.63 -39.00
C LEU A 83 6.92 15.57 -39.57
N SER A 84 6.24 15.13 -40.62
CA SER A 84 5.27 15.96 -41.33
C SER A 84 3.86 15.44 -41.14
N SER A 85 2.89 16.34 -41.29
CA SER A 85 1.46 16.03 -41.23
C SER A 85 1.13 15.21 -39.99
N LEU A 86 1.56 15.72 -38.83
CA LEU A 86 1.46 14.96 -37.59
C LEU A 86 0.00 14.78 -37.18
N THR A 87 -0.39 13.53 -36.95
CA THR A 87 -1.70 13.18 -36.44
C THR A 87 -1.60 12.83 -34.97
N SER A 88 -2.78 12.63 -34.35
CA SER A 88 -2.81 12.25 -32.95
C SER A 88 -2.18 10.87 -32.71
N GLU A 89 -2.12 10.03 -33.74
CA GLU A 89 -1.44 8.74 -33.63
C GLU A 89 0.07 8.88 -33.63
N ASP A 90 0.60 10.07 -33.90
CA ASP A 90 2.04 10.31 -33.86
C ASP A 90 2.52 10.79 -32.49
N THR A 91 1.62 10.93 -31.52
CA THR A 91 2.01 11.31 -30.17
C THR A 91 2.78 10.15 -29.54
N ALA A 92 4.08 10.36 -29.31
CA ALA A 92 4.95 9.30 -28.82
C ALA A 92 6.23 9.91 -28.29
N VAL A 93 7.04 9.05 -27.67
CA VAL A 93 8.41 9.38 -27.33
C VAL A 93 9.32 8.90 -28.45
N TYR A 94 10.18 9.78 -28.94
CA TYR A 94 11.06 9.49 -30.06
C TYR A 94 12.50 9.40 -29.56
N TYR A 95 13.17 8.30 -29.87
CA TYR A 95 14.51 8.03 -29.37
C TYR A 95 15.54 8.16 -30.48
N CYS A 96 16.73 8.62 -30.08
CA CYS A 96 17.91 8.64 -30.93
C CYS A 96 18.84 7.53 -30.48
N ALA A 97 19.48 6.85 -31.43
CA ALA A 97 20.24 5.65 -31.07
C ALA A 97 21.39 5.42 -32.05
N ARG A 98 22.55 5.09 -31.49
CA ARG A 98 23.61 4.41 -32.21
C ARG A 98 23.46 2.93 -31.90
N TRP A 99 23.13 2.14 -32.93
CA TRP A 99 22.50 0.85 -32.67
C TRP A 99 23.38 -0.05 -31.82
N GLY A 100 22.73 -0.80 -30.94
CA GLY A 100 23.42 -1.49 -29.87
C GLY A 100 22.96 -0.97 -28.51
N ALA A 101 23.86 -0.32 -27.79
CA ALA A 101 23.60 0.07 -26.39
C ALA A 101 23.49 1.56 -26.16
N TYR A 102 23.62 2.39 -27.20
CA TYR A 102 23.71 3.83 -27.03
C TYR A 102 22.42 4.49 -27.49
N TRP A 103 21.64 4.99 -26.53
CA TRP A 103 20.35 5.61 -26.80
C TRP A 103 20.30 7.00 -26.18
N GLY A 104 19.47 7.86 -26.78
CA GLY A 104 19.16 9.14 -26.17
C GLY A 104 18.07 9.00 -25.13
N GLN A 105 17.84 10.09 -24.39
CA GLN A 105 16.84 10.05 -23.32
C GLN A 105 15.42 10.14 -23.85
N GLY A 106 15.22 10.39 -25.13
CA GLY A 106 13.87 10.44 -25.68
C GLY A 106 13.31 11.84 -25.70
N THR A 107 12.40 12.07 -26.65
CA THR A 107 11.73 13.36 -26.82
C THR A 107 10.24 13.12 -26.92
N LEU A 108 9.47 13.71 -26.00
CA LEU A 108 8.03 13.62 -26.05
C LEU A 108 7.48 14.58 -27.10
N VAL A 109 6.57 14.07 -27.93
CA VAL A 109 5.93 14.87 -28.98
C VAL A 109 4.44 14.68 -28.83
N THR A 110 3.74 15.71 -28.36
CA THR A 110 2.29 15.67 -28.19
C THR A 110 1.64 16.39 -29.36
N VAL A 111 0.76 15.69 -30.07
CA VAL A 111 0.03 16.24 -31.21
C VAL A 111 -1.39 16.49 -30.74
N SER A 112 -1.72 17.75 -30.48
CA SER A 112 -3.04 18.10 -30.00
C SER A 112 -3.32 19.57 -30.30
N ALA A 113 -4.59 19.86 -30.57
CA ALA A 113 -5.03 21.23 -30.84
C ALA A 113 -5.29 22.03 -29.57
N ALA A 114 -5.02 21.46 -28.40
CA ALA A 114 -5.28 22.14 -27.15
C ALA A 114 -4.24 23.24 -26.91
N LYS A 115 -4.62 24.21 -26.09
CA LYS A 115 -3.78 25.37 -25.81
C LYS A 115 -2.90 25.14 -24.60
N THR A 116 -1.74 25.81 -24.58
CA THR A 116 -0.79 25.69 -23.49
C THR A 116 -1.28 26.47 -22.28
N THR A 117 -1.22 25.84 -21.10
CA THR A 117 -1.73 26.42 -19.87
C THR A 117 -0.76 26.15 -18.73
N PRO A 118 -0.42 27.16 -17.94
CA PRO A 118 0.44 26.94 -16.77
C PRO A 118 -0.35 26.25 -15.67
N PRO A 119 0.34 25.52 -14.78
CA PRO A 119 -0.36 24.79 -13.72
C PRO A 119 -0.65 25.63 -12.50
N SER A 120 -1.64 25.18 -11.74
CA SER A 120 -1.91 25.67 -10.39
C SER A 120 -1.42 24.62 -9.40
N VAL A 121 -0.55 25.04 -8.49
CA VAL A 121 0.01 24.15 -7.48
C VAL A 121 -0.67 24.45 -6.15
N TYR A 122 -1.10 23.41 -5.45
CA TYR A 122 -1.83 23.55 -4.20
C TYR A 122 -1.16 22.68 -3.14
N PRO A 123 -0.94 23.21 -1.94
CA PRO A 123 -0.31 22.41 -0.89
C PRO A 123 -1.30 21.46 -0.22
N LEU A 124 -0.77 20.33 0.25
CA LEU A 124 -1.55 19.33 0.97
C LEU A 124 -0.88 19.11 2.32
N ALA A 125 -1.50 19.63 3.38
CA ALA A 125 -0.94 19.61 4.71
C ALA A 125 -1.96 19.07 5.70
N PRO A 126 -1.51 18.41 6.78
CA PRO A 126 -2.45 17.86 7.76
C PRO A 126 -3.07 18.91 8.66
N GLY A 127 -2.29 19.93 9.03
CA GLY A 127 -2.77 20.99 9.89
C GLY A 127 -2.10 21.09 11.23
N SER A 128 -1.96 22.30 11.76
CA SER A 128 -1.41 22.48 13.09
C SER A 128 -2.36 21.90 14.14
N ALA A 129 -1.79 21.50 15.27
CA ALA A 129 -2.46 20.85 16.39
C ALA A 129 -2.99 19.47 16.06
N ALA A 130 -2.78 18.97 14.85
CA ALA A 130 -3.21 17.63 14.50
C ALA A 130 -2.40 16.59 15.27
N GLN A 131 -2.95 15.38 15.34
CA GLN A 131 -2.32 14.31 16.10
C GLN A 131 -0.95 13.98 15.52
N THR A 132 0.07 13.97 16.37
CA THR A 132 1.43 13.67 15.94
C THR A 132 1.64 12.16 15.91
N ASN A 133 1.98 11.63 14.73
CA ASN A 133 2.35 10.24 14.56
C ASN A 133 3.86 10.15 14.36
N SER A 134 4.34 8.94 14.09
CA SER A 134 5.76 8.77 13.80
C SER A 134 6.14 9.43 12.48
N MET A 135 5.30 9.26 11.46
CA MET A 135 5.51 9.86 10.16
C MET A 135 4.40 10.85 9.85
N VAL A 136 4.70 11.81 8.99
CA VAL A 136 3.72 12.75 8.46
C VAL A 136 3.82 12.75 6.94
N THR A 137 2.68 12.81 6.27
CA THR A 137 2.63 12.78 4.81
C THR A 137 2.12 14.13 4.31
N LEU A 138 2.98 14.84 3.59
CA LEU A 138 2.61 16.07 2.90
C LEU A 138 2.42 15.77 1.42
N GLY A 139 1.77 16.71 0.72
CA GLY A 139 1.43 16.51 -0.67
C GLY A 139 1.55 17.79 -1.47
N CYS A 140 1.28 17.65 -2.77
CA CYS A 140 1.37 18.77 -3.70
C CYS A 140 0.50 18.44 -4.90
N LEU A 141 -0.51 19.27 -5.16
CA LEU A 141 -1.48 19.03 -6.22
C LEU A 141 -1.20 20.00 -7.37
N VAL A 142 -0.95 19.46 -8.55
CA VAL A 142 -0.64 20.23 -9.75
C VAL A 142 -1.78 20.04 -10.72
N LYS A 143 -2.57 21.10 -10.96
CA LYS A 143 -3.83 20.98 -11.66
C LYS A 143 -3.93 21.99 -12.79
N GLY A 144 -4.58 21.56 -13.87
CA GLY A 144 -4.97 22.47 -14.94
C GLY A 144 -3.86 22.96 -15.84
N TYR A 145 -2.94 22.09 -16.24
CA TYR A 145 -1.86 22.48 -17.12
C TYR A 145 -1.90 21.67 -18.41
N PHE A 146 -1.17 22.16 -19.40
CA PHE A 146 -1.03 21.51 -20.70
C PHE A 146 0.12 22.19 -21.46
N PRO A 147 1.00 21.41 -22.12
CA PRO A 147 0.99 19.95 -22.10
C PRO A 147 1.99 19.36 -21.11
N GLU A 148 2.22 18.06 -21.21
CA GLU A 148 3.31 17.44 -20.47
C GLU A 148 4.65 17.95 -20.97
N PRO A 149 5.69 17.91 -20.14
CA PRO A 149 5.72 17.41 -18.75
C PRO A 149 5.76 18.49 -17.69
N VAL A 150 5.68 18.05 -16.43
CA VAL A 150 5.86 18.90 -15.26
C VAL A 150 6.90 18.23 -14.36
N THR A 151 7.83 19.03 -13.85
CA THR A 151 8.90 18.54 -12.99
C THR A 151 8.60 18.90 -11.54
N VAL A 152 8.51 17.89 -10.68
CA VAL A 152 8.23 18.07 -9.26
C VAL A 152 9.36 17.47 -8.45
N THR A 153 9.95 18.29 -7.57
CA THR A 153 10.95 17.84 -6.61
C THR A 153 10.63 18.46 -5.26
N TRP A 154 11.25 17.92 -4.21
CA TRP A 154 11.05 18.38 -2.85
C TRP A 154 12.39 18.84 -2.28
N ASN A 155 12.41 20.07 -1.76
CA ASN A 155 13.63 20.67 -1.19
C ASN A 155 14.75 20.70 -2.21
N SER A 156 14.44 21.06 -3.45
CA SER A 156 15.40 21.17 -4.54
C SER A 156 16.14 19.85 -4.78
N GLY A 157 15.43 18.73 -4.60
CA GLY A 157 16.01 17.43 -4.77
C GLY A 157 16.60 16.82 -3.51
N SER A 158 16.55 17.51 -2.38
CA SER A 158 17.11 16.97 -1.14
C SER A 158 16.24 15.82 -0.63
N LEU A 159 14.93 16.01 -0.63
CA LEU A 159 14.00 14.97 -0.20
C LEU A 159 13.70 14.06 -1.38
N SER A 160 14.09 12.79 -1.25
CA SER A 160 13.82 11.79 -2.28
C SER A 160 13.39 10.44 -1.73
N SER A 161 13.55 10.17 -0.44
CA SER A 161 13.30 8.82 0.09
C SER A 161 11.83 8.45 -0.01
N GLY A 162 10.97 9.19 0.68
CA GLY A 162 9.56 8.85 0.73
C GLY A 162 8.68 9.69 -0.17
N VAL A 163 9.11 9.89 -1.41
CA VAL A 163 8.38 10.71 -2.38
C VAL A 163 7.66 9.80 -3.37
N HIS A 164 6.41 10.13 -3.66
CA HIS A 164 5.64 9.47 -4.71
C HIS A 164 5.04 10.54 -5.60
N THR A 165 5.56 10.65 -6.83
CA THR A 165 5.01 11.55 -7.84
C THR A 165 4.22 10.72 -8.83
N PHE A 166 2.94 11.03 -8.97
CA PHE A 166 2.04 10.18 -9.74
C PHE A 166 1.93 10.66 -11.19
N PRO A 167 1.75 9.73 -12.12
CA PRO A 167 1.62 10.11 -13.53
C PRO A 167 0.43 11.03 -13.76
N ALA A 168 0.60 11.97 -14.69
CA ALA A 168 -0.46 12.91 -15.01
C ALA A 168 -1.61 12.21 -15.73
N VAL A 169 -2.82 12.74 -15.52
CA VAL A 169 -4.02 12.21 -16.15
C VAL A 169 -4.73 13.37 -16.86
N LEU A 170 -5.11 13.14 -18.11
CA LEU A 170 -5.74 14.17 -18.93
C LEU A 170 -7.25 14.14 -18.74
N GLN A 171 -7.83 15.32 -18.47
CA GLN A 171 -9.28 15.46 -18.34
C GLN A 171 -9.69 16.74 -19.05
N SER A 172 -10.34 16.60 -20.20
CA SER A 172 -10.83 17.73 -21.00
C SER A 172 -9.69 18.69 -21.34
N ASP A 173 -8.68 18.16 -22.03
CA ASP A 173 -7.55 18.92 -22.56
C ASP A 173 -6.68 19.53 -21.47
N LEU A 174 -6.81 19.07 -20.22
CA LEU A 174 -5.99 19.56 -19.12
C LEU A 174 -5.51 18.40 -18.29
N TYR A 175 -4.26 18.51 -17.81
CA TYR A 175 -3.65 17.48 -17.00
C TYR A 175 -3.75 17.82 -15.51
N THR A 176 -3.76 16.79 -14.69
CA THR A 176 -3.71 16.93 -13.24
C THR A 176 -2.69 15.94 -12.70
N LEU A 177 -1.76 16.44 -11.87
CA LEU A 177 -0.69 15.62 -11.30
C LEU A 177 -0.61 15.91 -9.80
N SER A 178 -0.21 14.89 -9.04
CA SER A 178 -0.06 15.02 -7.61
C SER A 178 1.21 14.32 -7.16
N SER A 179 1.75 14.79 -6.03
CA SER A 179 2.96 14.21 -5.47
C SER A 179 2.89 14.28 -3.95
N SER A 180 3.26 13.18 -3.30
CA SER A 180 3.26 13.10 -1.84
C SER A 180 4.67 12.82 -1.33
N VAL A 181 4.92 13.23 -0.10
CA VAL A 181 6.20 12.98 0.56
C VAL A 181 5.93 12.66 2.03
N THR A 182 6.60 11.63 2.53
CA THR A 182 6.43 11.16 3.90
C THR A 182 7.75 11.33 4.65
N VAL A 183 7.74 12.20 5.65
CA VAL A 183 8.94 12.51 6.43
C VAL A 183 8.63 12.28 7.90
N PRO A 184 9.65 12.06 8.73
CA PRO A 184 9.42 11.91 10.16
C PRO A 184 8.84 13.19 10.78
N SER A 185 7.92 13.00 11.73
CA SER A 185 7.26 14.13 12.37
C SER A 185 8.23 15.01 13.15
N SER A 186 9.41 14.49 13.48
CA SER A 186 10.43 15.27 14.17
C SER A 186 11.11 16.28 13.25
N THR A 187 10.68 16.40 12.00
CA THR A 187 11.36 17.26 11.03
C THR A 187 10.43 18.33 10.46
N TRP A 188 9.29 17.95 9.87
CA TRP A 188 8.52 18.91 9.08
C TRP A 188 8.06 20.14 9.85
N PRO A 189 7.50 20.03 11.05
CA PRO A 189 7.12 21.27 11.77
C PRO A 189 8.30 22.20 12.02
N SER A 190 9.50 21.66 12.14
CA SER A 190 10.69 22.44 12.42
C SER A 190 11.58 22.68 11.22
N GLU A 191 11.39 21.91 10.13
CA GLU A 191 12.24 22.03 8.95
C GLU A 191 11.40 22.30 7.71
N THR A 192 11.99 23.00 6.75
CA THR A 192 11.28 23.45 5.57
C THR A 192 11.11 22.30 4.59
N VAL A 193 9.86 22.04 4.21
CA VAL A 193 9.52 21.11 3.14
C VAL A 193 8.81 21.92 2.06
N THR A 194 9.46 22.03 0.89
CA THR A 194 8.99 22.90 -0.18
C THR A 194 8.75 22.06 -1.44
N CYS A 195 7.62 22.29 -2.09
CA CYS A 195 7.28 21.61 -3.33
C CYS A 195 7.76 22.46 -4.51
N ASN A 196 8.62 21.87 -5.34
CA ASN A 196 9.24 22.56 -6.47
C ASN A 196 8.61 22.04 -7.76
N VAL A 197 7.70 22.82 -8.33
CA VAL A 197 7.00 22.46 -9.55
C VAL A 197 7.54 23.31 -10.70
N ALA A 198 7.91 22.65 -11.80
CA ALA A 198 8.40 23.32 -12.99
C ALA A 198 7.60 22.86 -14.20
N HIS A 199 7.22 23.82 -15.04
CA HIS A 199 6.49 23.54 -16.27
C HIS A 199 7.16 24.30 -17.41
N PRO A 200 8.04 23.65 -18.17
CA PRO A 200 8.82 24.38 -19.18
C PRO A 200 7.98 25.00 -20.29
N ALA A 201 6.87 24.37 -20.66
CA ALA A 201 6.04 24.90 -21.74
C ALA A 201 5.44 26.26 -21.41
N SER A 202 5.32 26.59 -20.12
CA SER A 202 4.85 27.90 -19.69
C SER A 202 5.93 28.73 -19.03
N SER A 203 7.15 28.20 -18.91
CA SER A 203 8.26 28.91 -18.28
C SER A 203 7.92 29.33 -16.85
N THR A 204 7.27 28.43 -16.12
CA THR A 204 6.84 28.70 -14.75
C THR A 204 7.48 27.69 -13.81
N LYS A 205 8.31 28.19 -12.90
CA LYS A 205 8.90 27.39 -11.83
C LYS A 205 8.40 27.95 -10.51
N VAL A 206 7.63 27.13 -9.78
CA VAL A 206 6.95 27.57 -8.57
C VAL A 206 7.44 26.73 -7.40
N ASP A 207 7.85 27.41 -6.33
CA ASP A 207 8.18 26.76 -5.06
C ASP A 207 7.02 26.95 -4.10
N LYS A 208 6.52 25.85 -3.55
CA LYS A 208 5.36 25.85 -2.67
C LYS A 208 5.77 25.27 -1.32
N LYS A 209 6.01 26.14 -0.34
CA LYS A 209 6.32 25.68 1.01
C LYS A 209 5.07 25.09 1.66
N ILE A 210 5.23 23.93 2.28
CA ILE A 210 4.11 23.24 2.93
C ILE A 210 3.96 23.79 4.35
N VAL A 211 2.88 24.52 4.60
CA VAL A 211 2.62 25.12 5.91
C VAL A 211 1.39 24.45 6.52
N PRO A 212 1.33 24.27 7.83
CA PRO A 212 0.20 23.54 8.43
C PRO A 212 -1.08 24.37 8.46
N ARG A 213 -2.20 23.71 8.16
CA ARG A 213 -3.60 24.13 8.41
C ARG A 213 -4.55 23.42 7.43
N ILE B 2 8.88 -8.71 -39.54
CA ILE B 2 8.84 -9.81 -38.58
C ILE B 2 7.98 -9.45 -37.38
N VAL B 3 7.07 -10.36 -37.01
CA VAL B 3 6.23 -10.19 -35.83
C VAL B 3 6.88 -10.92 -34.66
N LEU B 4 7.21 -10.18 -33.62
CA LEU B 4 7.81 -10.74 -32.40
C LEU B 4 6.73 -10.77 -31.32
N THR B 5 6.20 -11.95 -31.05
CA THR B 5 5.11 -12.13 -30.09
C THR B 5 5.70 -12.53 -28.74
N GLN B 6 5.58 -11.63 -27.76
CA GLN B 6 6.03 -11.90 -26.39
C GLN B 6 4.81 -12.20 -25.53
N SER B 7 4.67 -13.47 -25.14
CA SER B 7 3.58 -13.88 -24.28
C SER B 7 4.12 -14.68 -23.10
N PRO B 8 3.65 -14.41 -21.88
CA PRO B 8 2.62 -13.41 -21.56
C PRO B 8 3.14 -11.98 -21.54
N ALA B 9 2.24 -11.02 -21.77
CA ALA B 9 2.62 -9.61 -21.78
C ALA B 9 2.95 -9.08 -20.40
N ILE B 10 2.42 -9.71 -19.35
CA ILE B 10 2.71 -9.34 -17.97
C ILE B 10 2.85 -10.63 -17.16
N MET B 11 3.87 -10.68 -16.31
CA MET B 11 4.06 -11.84 -15.45
C MET B 11 4.68 -11.40 -14.13
N SER B 12 4.68 -12.32 -13.17
CA SER B 12 5.12 -12.03 -11.81
C SER B 12 5.99 -13.17 -11.31
N ALA B 13 7.03 -12.83 -10.54
CA ALA B 13 7.92 -13.83 -9.99
C ALA B 13 8.41 -13.37 -8.62
N SER B 14 8.48 -14.31 -7.69
CA SER B 14 8.95 -14.03 -6.34
C SER B 14 10.48 -13.94 -6.32
N PRO B 15 11.05 -13.34 -5.28
CA PRO B 15 12.52 -13.31 -5.19
C PRO B 15 13.10 -14.71 -5.11
N GLY B 16 14.16 -14.93 -5.89
CA GLY B 16 14.78 -16.24 -5.97
C GLY B 16 14.13 -17.21 -6.94
N GLU B 17 13.03 -16.82 -7.57
CA GLU B 17 12.32 -17.67 -8.51
C GLU B 17 12.93 -17.55 -9.90
N LYS B 18 13.07 -18.68 -10.59
CA LYS B 18 13.53 -18.69 -11.97
C LYS B 18 12.38 -18.30 -12.90
N VAL B 19 12.65 -17.36 -13.79
CA VAL B 19 11.63 -16.80 -14.68
C VAL B 19 12.16 -16.82 -16.10
N THR B 20 11.30 -17.23 -17.05
CA THR B 20 11.67 -17.34 -18.45
C THR B 20 10.69 -16.52 -19.29
N LEU B 21 11.23 -15.58 -20.06
CA LEU B 21 10.44 -14.78 -21.00
C LEU B 21 10.64 -15.32 -22.40
N THR B 22 9.55 -15.47 -23.14
CA THR B 22 9.59 -16.09 -24.45
C THR B 22 9.35 -15.07 -25.56
N CYS B 23 10.00 -15.29 -26.71
CA CYS B 23 9.87 -14.42 -27.87
C CYS B 23 9.73 -15.30 -29.11
N ALA B 24 8.55 -15.31 -29.71
CA ALA B 24 8.27 -16.10 -30.91
C ALA B 24 8.20 -15.18 -32.11
N SER B 25 8.81 -15.63 -33.22
CA SER B 25 8.94 -14.82 -34.42
C SER B 25 8.05 -15.36 -35.53
N SER B 26 7.47 -14.45 -36.31
CA SER B 26 6.66 -14.86 -37.44
C SER B 26 7.50 -15.52 -38.52
N SER B 27 8.78 -15.15 -38.62
CA SER B 27 9.71 -15.77 -39.55
C SER B 27 11.08 -15.89 -38.88
N VAL B 28 11.97 -16.65 -39.52
CA VAL B 28 13.23 -17.02 -38.88
C VAL B 28 14.10 -15.79 -38.66
N SER B 29 14.84 -15.78 -37.55
CA SER B 29 15.79 -14.73 -37.24
C SER B 29 17.12 -15.36 -36.87
N SER B 30 18.19 -14.58 -37.02
CA SER B 30 19.53 -15.08 -36.68
C SER B 30 20.14 -14.25 -35.55
N SER B 31 21.47 -14.28 -35.43
CA SER B 31 22.15 -13.69 -34.28
C SER B 31 21.94 -12.20 -34.11
N TYR B 32 21.07 -11.61 -34.92
CA TYR B 32 20.62 -10.24 -34.76
C TYR B 32 19.53 -10.03 -33.71
N LEU B 33 19.41 -10.94 -32.75
CA LEU B 33 18.36 -10.90 -31.75
C LEU B 33 18.91 -10.29 -30.47
N TYR B 34 18.37 -9.13 -30.09
CA TYR B 34 18.75 -8.46 -28.87
C TYR B 34 17.58 -8.43 -27.89
N TRP B 35 17.91 -8.31 -26.61
CA TRP B 35 16.93 -8.10 -25.56
C TRP B 35 17.21 -6.75 -24.91
N TYR B 36 16.18 -5.94 -24.73
CA TYR B 36 16.29 -4.62 -24.14
C TYR B 36 15.48 -4.56 -22.87
N GLN B 37 16.10 -4.08 -21.79
CA GLN B 37 15.41 -3.82 -20.53
C GLN B 37 15.06 -2.34 -20.46
N GLN B 38 13.81 -2.04 -20.11
CA GLN B 38 13.36 -0.66 -19.97
C GLN B 38 12.54 -0.52 -18.70
N LYS B 39 12.89 0.45 -17.87
CA LYS B 39 12.14 0.85 -16.70
C LYS B 39 11.48 2.20 -16.96
N PRO B 40 10.37 2.49 -16.27
CA PRO B 40 9.63 3.74 -16.56
C PRO B 40 10.50 4.97 -16.39
N GLY B 41 10.43 5.86 -17.38
CA GLY B 41 11.16 7.11 -17.33
C GLY B 41 12.59 7.05 -17.83
N SER B 42 13.02 5.94 -18.42
CA SER B 42 14.39 5.79 -18.88
C SER B 42 14.41 5.20 -20.29
N SER B 43 15.54 5.39 -20.95
CA SER B 43 15.73 4.85 -22.29
C SER B 43 15.86 3.33 -22.23
N PRO B 44 15.58 2.64 -23.34
CA PRO B 44 15.86 1.20 -23.39
C PRO B 44 17.36 0.94 -23.26
N LYS B 45 17.71 -0.04 -22.44
CA LYS B 45 19.09 -0.44 -22.23
C LYS B 45 19.33 -1.81 -22.85
N LEU B 46 20.38 -1.92 -23.66
CA LEU B 46 20.75 -3.21 -24.23
C LEU B 46 21.13 -4.17 -23.11
N TRP B 47 20.43 -5.31 -23.06
CA TRP B 47 20.61 -6.29 -22.01
C TRP B 47 21.30 -7.56 -22.48
N ILE B 48 20.78 -8.18 -23.53
CA ILE B 48 21.39 -9.36 -24.14
C ILE B 48 21.52 -9.10 -25.63
N TYR B 49 22.68 -9.40 -26.18
CA TYR B 49 22.96 -9.26 -27.59
C TYR B 49 23.40 -10.59 -28.14
N SER B 50 23.07 -10.83 -29.37
CA SER B 50 23.35 -12.01 -30.09
C SER B 50 22.92 -13.22 -29.31
N THR B 51 21.65 -13.22 -29.00
CA THR B 51 20.96 -14.24 -28.28
C THR B 51 21.39 -14.64 -26.89
N SER B 52 22.65 -14.68 -26.55
CA SER B 52 23.04 -15.22 -25.30
C SER B 52 24.13 -14.53 -24.66
N ASN B 53 24.53 -13.43 -25.21
CA ASN B 53 25.65 -12.72 -24.60
C ASN B 53 25.14 -11.53 -23.79
N LEU B 54 25.59 -11.43 -22.54
CA LEU B 54 25.17 -10.35 -21.66
C LEU B 54 25.93 -9.07 -21.97
N ALA B 55 25.22 -7.96 -22.00
CA ALA B 55 25.86 -6.66 -22.11
C ALA B 55 26.64 -6.35 -20.83
N SER B 56 27.57 -5.40 -20.93
CA SER B 56 28.39 -5.04 -19.78
C SER B 56 27.52 -4.45 -18.68
N GLY B 57 27.74 -4.92 -17.45
CA GLY B 57 26.96 -4.48 -16.32
C GLY B 57 25.75 -5.33 -16.03
N VAL B 58 25.34 -6.21 -16.94
CA VAL B 58 24.19 -7.07 -16.70
C VAL B 58 24.61 -8.19 -15.74
N PRO B 59 23.88 -8.40 -14.64
CA PRO B 59 24.28 -9.43 -13.68
C PRO B 59 24.29 -10.83 -14.29
N ALA B 60 25.13 -11.70 -13.72
CA ALA B 60 25.32 -13.03 -14.28
C ALA B 60 24.08 -13.91 -14.14
N ARG B 61 23.08 -13.49 -13.35
CA ARG B 61 21.87 -14.29 -13.21
C ARG B 61 21.05 -14.31 -14.50
N PHE B 62 21.33 -13.41 -15.43
CA PHE B 62 20.63 -13.38 -16.72
C PHE B 62 21.29 -14.32 -17.71
N SER B 63 20.48 -14.82 -18.64
CA SER B 63 20.97 -15.69 -19.70
C SER B 63 19.97 -15.67 -20.84
N GLY B 64 20.47 -15.90 -22.05
CA GLY B 64 19.63 -15.91 -23.23
C GLY B 64 19.84 -17.18 -24.03
N SER B 65 18.76 -17.60 -24.71
CA SER B 65 18.80 -18.83 -25.49
C SER B 65 17.77 -18.74 -26.61
N GLY B 66 17.94 -19.59 -27.61
CA GLY B 66 16.99 -19.70 -28.71
C GLY B 66 17.68 -19.70 -30.05
N SER B 67 16.88 -20.00 -31.07
CA SER B 67 17.30 -20.00 -32.47
C SER B 67 16.05 -20.06 -33.34
N GLY B 68 16.22 -19.74 -34.62
CA GLY B 68 15.12 -19.81 -35.56
C GLY B 68 13.99 -18.84 -35.28
N THR B 69 12.87 -19.36 -34.79
CA THR B 69 11.66 -18.57 -34.62
C THR B 69 11.23 -18.42 -33.17
N SER B 70 11.99 -18.96 -32.22
CA SER B 70 11.64 -18.87 -30.81
C SER B 70 12.89 -18.63 -29.98
N TYR B 71 12.82 -17.65 -29.08
CA TYR B 71 13.95 -17.29 -28.24
C TYR B 71 13.45 -17.09 -26.81
N SER B 72 14.39 -16.96 -25.88
CA SER B 72 14.02 -16.86 -24.48
C SER B 72 15.06 -16.06 -23.70
N LEU B 73 14.58 -15.33 -22.69
CA LEU B 73 15.41 -14.70 -21.68
C LEU B 73 15.09 -15.34 -20.33
N THR B 74 16.12 -15.60 -19.54
CA THR B 74 15.96 -16.32 -18.28
C THR B 74 16.72 -15.63 -17.17
N ILE B 75 16.05 -15.43 -16.04
CA ILE B 75 16.68 -14.96 -14.80
C ILE B 75 16.73 -16.14 -13.85
N SER B 76 17.93 -16.52 -13.42
CA SER B 76 18.07 -17.68 -12.54
C SER B 76 17.49 -17.42 -11.16
N SER B 77 17.72 -16.22 -10.62
CA SER B 77 17.23 -15.84 -9.30
C SER B 77 16.70 -14.42 -9.37
N MET B 78 15.37 -14.29 -9.32
CA MET B 78 14.74 -12.98 -9.46
C MET B 78 15.17 -12.03 -8.34
N GLU B 79 15.51 -10.81 -8.73
CA GLU B 79 15.85 -9.74 -7.80
C GLU B 79 14.87 -8.58 -7.98
N ALA B 80 14.87 -7.67 -7.00
CA ALA B 80 13.95 -6.53 -7.06
C ALA B 80 14.30 -5.58 -8.19
N GLU B 81 15.59 -5.38 -8.45
CA GLU B 81 16.02 -4.50 -9.52
C GLU B 81 15.75 -5.07 -10.91
N ASP B 82 15.34 -6.34 -11.00
CA ASP B 82 15.01 -6.95 -12.28
C ASP B 82 13.61 -6.60 -12.75
N ALA B 83 12.79 -6.00 -11.90
CA ALA B 83 11.42 -5.62 -12.27
C ALA B 83 11.47 -4.51 -13.32
N ALA B 84 11.07 -4.85 -14.54
CA ALA B 84 11.09 -3.90 -15.66
C ALA B 84 10.32 -4.52 -16.83
N SER B 85 10.32 -3.81 -17.95
CA SER B 85 9.80 -4.33 -19.20
C SER B 85 10.97 -4.82 -20.06
N TYR B 86 10.78 -5.98 -20.69
CA TYR B 86 11.81 -6.59 -21.52
C TYR B 86 11.27 -6.79 -22.93
N PHE B 87 11.98 -6.25 -23.92
CA PHE B 87 11.61 -6.34 -25.31
C PHE B 87 12.65 -7.15 -26.06
N CYS B 88 12.20 -8.13 -26.84
CA CYS B 88 13.09 -8.78 -27.78
C CYS B 88 13.12 -8.00 -29.08
N HIS B 89 14.25 -8.08 -29.78
CA HIS B 89 14.48 -7.26 -30.96
C HIS B 89 15.22 -8.08 -32.00
N GLN B 90 14.85 -7.91 -33.26
CA GLN B 90 15.55 -8.53 -34.38
C GLN B 90 15.92 -7.44 -35.37
N TRP B 91 17.11 -7.57 -35.98
CA TRP B 91 17.49 -6.70 -37.08
C TRP B 91 18.22 -7.46 -38.17
N SER B 92 17.90 -8.74 -38.33
CA SER B 92 18.38 -9.52 -39.46
C SER B 92 17.47 -9.42 -40.68
N SER B 93 16.22 -9.01 -40.49
CA SER B 93 15.28 -8.81 -41.58
C SER B 93 14.82 -7.36 -41.59
N TYR B 94 14.64 -6.81 -42.78
CA TYR B 94 14.28 -5.40 -42.94
C TYR B 94 12.76 -5.27 -43.05
N PRO B 95 12.14 -4.34 -42.31
CA PRO B 95 12.82 -3.48 -41.33
C PRO B 95 12.95 -4.17 -39.97
N ARG B 96 13.87 -3.69 -39.14
CA ARG B 96 14.05 -4.29 -37.82
C ARG B 96 12.83 -4.02 -36.95
N THR B 97 12.48 -4.99 -36.12
CA THR B 97 11.26 -4.93 -35.32
C THR B 97 11.55 -5.22 -33.86
N PHE B 98 10.61 -4.83 -33.01
CA PHE B 98 10.63 -5.15 -31.60
C PHE B 98 9.38 -5.92 -31.23
N GLY B 99 9.46 -6.68 -30.14
CA GLY B 99 8.28 -7.28 -29.57
C GLY B 99 7.46 -6.27 -28.79
N ALA B 100 6.21 -6.63 -28.52
CA ALA B 100 5.36 -5.77 -27.71
C ALA B 100 5.88 -5.65 -26.28
N GLY B 101 6.65 -6.62 -25.82
CA GLY B 101 7.30 -6.53 -24.53
C GLY B 101 6.58 -7.34 -23.47
N THR B 102 7.33 -7.76 -22.46
CA THR B 102 6.79 -8.44 -21.28
C THR B 102 7.15 -7.60 -20.07
N LYS B 103 6.13 -7.14 -19.34
CA LYS B 103 6.39 -6.43 -18.10
C LYS B 103 6.57 -7.44 -16.97
N LEU B 104 7.66 -7.31 -16.24
CA LEU B 104 8.05 -8.26 -15.21
C LEU B 104 8.03 -7.56 -13.86
N GLU B 105 7.12 -8.00 -12.99
CA GLU B 105 7.00 -7.45 -11.65
C GLU B 105 7.53 -8.44 -10.62
N LEU B 106 8.01 -7.91 -9.50
CA LEU B 106 8.45 -8.74 -8.39
C LEU B 106 7.27 -9.02 -7.46
N LYS B 107 7.07 -10.30 -7.16
CA LYS B 107 5.99 -10.72 -6.26
C LYS B 107 6.51 -10.65 -4.84
N ARG B 108 6.30 -9.52 -4.19
CA ARG B 108 6.67 -9.35 -2.80
C ARG B 108 5.52 -9.78 -1.89
N ALA B 109 5.75 -9.71 -0.59
CA ALA B 109 4.68 -10.00 0.36
C ALA B 109 3.61 -8.92 0.29
N ASP B 110 2.38 -9.31 0.65
CA ASP B 110 1.27 -8.37 0.62
C ASP B 110 1.52 -7.22 1.59
N ALA B 111 1.08 -6.03 1.20
CA ALA B 111 1.27 -4.83 2.01
C ALA B 111 0.00 -3.99 1.96
N ALA B 112 -0.49 -3.60 3.13
CA ALA B 112 -1.67 -2.75 3.18
C ALA B 112 -1.31 -1.31 2.82
N PRO B 113 -2.20 -0.59 2.15
CA PRO B 113 -1.90 0.80 1.80
C PRO B 113 -1.98 1.72 3.00
N THR B 114 -1.10 2.72 3.00
CA THR B 114 -1.12 3.80 3.99
C THR B 114 -1.89 4.97 3.36
N VAL B 115 -3.08 5.25 3.89
CA VAL B 115 -4.02 6.16 3.25
C VAL B 115 -3.96 7.52 3.94
N SER B 116 -3.86 8.57 3.14
CA SER B 116 -3.93 9.95 3.61
C SER B 116 -4.97 10.69 2.78
N ILE B 117 -5.84 11.44 3.44
CA ILE B 117 -6.87 12.22 2.78
C ILE B 117 -6.66 13.69 3.11
N PHE B 118 -6.82 14.55 2.10
CA PHE B 118 -6.57 15.98 2.24
C PHE B 118 -7.80 16.75 1.76
N PRO B 119 -8.38 17.61 2.58
CA PRO B 119 -9.43 18.52 2.08
C PRO B 119 -8.85 19.51 1.10
N PRO B 120 -9.68 20.20 0.33
CA PRO B 120 -9.15 21.22 -0.58
C PRO B 120 -8.43 22.32 0.17
N SER B 121 -7.28 22.72 -0.36
CA SER B 121 -6.46 23.74 0.28
C SER B 121 -7.16 25.10 0.24
N SER B 122 -6.66 26.02 1.06
CA SER B 122 -7.23 27.36 1.10
C SER B 122 -6.93 28.13 -0.18
N GLU B 123 -5.82 27.82 -0.85
CA GLU B 123 -5.51 28.48 -2.12
C GLU B 123 -6.53 28.12 -3.20
N GLN B 124 -6.90 26.84 -3.28
CA GLN B 124 -7.83 26.41 -4.32
C GLN B 124 -9.25 26.89 -4.05
N LEU B 125 -9.63 26.98 -2.77
CA LEU B 125 -11.00 27.38 -2.43
C LEU B 125 -11.28 28.83 -2.83
N THR B 126 -10.26 29.69 -2.77
CA THR B 126 -10.45 31.07 -3.19
C THR B 126 -10.55 31.20 -4.70
N SER B 127 -10.13 30.18 -5.46
CA SER B 127 -10.25 30.19 -6.91
C SER B 127 -11.60 29.69 -7.39
N GLY B 128 -12.40 29.08 -6.51
CA GLY B 128 -13.71 28.58 -6.90
C GLY B 128 -13.79 27.07 -7.04
N GLY B 129 -12.68 26.35 -6.90
CA GLY B 129 -12.66 24.91 -6.99
C GLY B 129 -12.32 24.26 -5.67
N ALA B 130 -12.57 22.95 -5.60
CA ALA B 130 -12.32 22.18 -4.40
C ALA B 130 -11.98 20.75 -4.80
N SER B 131 -10.73 20.36 -4.59
CA SER B 131 -10.25 19.02 -4.91
C SER B 131 -9.88 18.30 -3.63
N VAL B 132 -10.47 17.14 -3.41
CA VAL B 132 -10.15 16.28 -2.27
C VAL B 132 -9.19 15.22 -2.77
N VAL B 133 -8.03 15.13 -2.13
CA VAL B 133 -6.95 14.25 -2.57
C VAL B 133 -6.81 13.10 -1.58
N CYS B 134 -6.70 11.88 -2.10
CA CYS B 134 -6.54 10.67 -1.30
C CYS B 134 -5.33 9.90 -1.81
N PHE B 135 -4.29 9.83 -0.99
CA PHE B 135 -3.09 9.05 -1.32
C PHE B 135 -3.21 7.67 -0.70
N LEU B 136 -2.92 6.64 -1.48
CA LEU B 136 -2.91 5.25 -1.03
C LEU B 136 -1.54 4.70 -1.41
N ASN B 137 -0.61 4.75 -0.46
CA ASN B 137 0.81 4.57 -0.75
C ASN B 137 1.32 3.23 -0.27
N ASN B 138 2.24 2.66 -1.05
CA ASN B 138 3.07 1.52 -0.65
C ASN B 138 2.22 0.31 -0.26
N PHE B 139 1.46 -0.19 -1.25
CA PHE B 139 0.66 -1.39 -1.08
C PHE B 139 1.05 -2.43 -2.13
N TYR B 140 0.73 -3.68 -1.82
CA TYR B 140 0.90 -4.80 -2.74
C TYR B 140 -0.19 -5.80 -2.41
N PRO B 141 -0.84 -6.42 -3.42
CA PRO B 141 -0.57 -6.29 -4.85
C PRO B 141 -1.12 -5.01 -5.49
N LYS B 142 -0.96 -4.89 -6.80
CA LYS B 142 -1.34 -3.66 -7.50
C LYS B 142 -2.85 -3.45 -7.52
N ASP B 143 -3.62 -4.54 -7.60
CA ASP B 143 -5.06 -4.43 -7.78
C ASP B 143 -5.71 -3.73 -6.58
N ILE B 144 -6.42 -2.64 -6.86
CA ILE B 144 -7.09 -1.86 -5.82
C ILE B 144 -8.22 -1.09 -6.48
N ASN B 145 -9.28 -0.83 -5.72
CA ASN B 145 -10.44 -0.09 -6.21
C ASN B 145 -10.84 0.93 -5.16
N VAL B 146 -11.01 2.18 -5.58
CA VAL B 146 -11.29 3.30 -4.68
C VAL B 146 -12.65 3.88 -5.01
N LYS B 147 -13.44 4.15 -3.96
CA LYS B 147 -14.71 4.83 -4.09
C LYS B 147 -14.72 6.07 -3.21
N TRP B 148 -15.41 7.11 -3.68
CA TRP B 148 -15.56 8.36 -2.94
C TRP B 148 -16.97 8.43 -2.37
N LYS B 149 -17.07 8.55 -1.04
CA LYS B 149 -18.33 8.66 -0.34
C LYS B 149 -18.47 10.07 0.23
N ILE B 150 -19.61 10.70 -0.04
CA ILE B 150 -19.89 12.06 0.43
C ILE B 150 -21.15 12.00 1.26
N ASP B 151 -21.00 12.11 2.59
CA ASP B 151 -22.12 12.04 3.54
C ASP B 151 -22.93 10.76 3.36
N GLY B 152 -22.23 9.65 3.15
CA GLY B 152 -22.89 8.36 3.03
C GLY B 152 -23.38 8.00 1.65
N SER B 153 -22.97 8.74 0.61
CA SER B 153 -23.40 8.48 -0.75
C SER B 153 -22.18 8.52 -1.68
N GLU B 154 -22.13 7.58 -2.61
CA GLU B 154 -21.00 7.48 -3.53
C GLU B 154 -21.08 8.55 -4.61
N ARG B 155 -19.97 9.25 -4.82
CA ARG B 155 -19.83 10.20 -5.92
C ARG B 155 -19.15 9.49 -7.08
N GLN B 156 -19.85 9.39 -8.21
CA GLN B 156 -19.43 8.47 -9.27
C GLN B 156 -18.37 9.09 -10.18
N ASN B 157 -18.59 10.31 -10.65
CA ASN B 157 -17.66 10.94 -11.57
C ASN B 157 -17.12 12.24 -10.98
N GLY B 158 -16.14 12.80 -11.68
CA GLY B 158 -15.31 13.87 -11.15
C GLY B 158 -14.05 13.39 -10.49
N VAL B 159 -13.71 12.11 -10.64
CA VAL B 159 -12.59 11.48 -9.96
C VAL B 159 -11.48 11.25 -10.98
N LEU B 160 -10.26 11.62 -10.61
CA LEU B 160 -9.07 11.34 -11.41
C LEU B 160 -8.18 10.39 -10.61
N ASN B 161 -7.91 9.23 -11.19
CA ASN B 161 -7.11 8.20 -10.54
C ASN B 161 -5.78 8.02 -11.28
N SER B 162 -4.70 7.88 -10.51
CA SER B 162 -3.37 7.71 -11.05
C SER B 162 -2.61 6.69 -10.21
N TRP B 163 -1.86 5.82 -10.88
CA TRP B 163 -1.09 4.77 -10.23
C TRP B 163 0.38 4.89 -10.59
N THR B 164 1.24 4.64 -9.63
CA THR B 164 2.67 4.57 -9.88
C THR B 164 3.06 3.17 -10.33
N ASP B 165 4.23 3.07 -10.96
CA ASP B 165 4.79 1.77 -11.26
C ASP B 165 5.37 1.14 -9.99
N GLN B 166 5.74 -0.13 -10.09
CA GLN B 166 6.32 -0.82 -8.94
C GLN B 166 7.61 -0.14 -8.51
N ASP B 167 7.66 0.26 -7.24
CA ASP B 167 8.81 0.99 -6.73
C ASP B 167 10.06 0.12 -6.79
N SER B 168 11.20 0.76 -7.07
CA SER B 168 12.44 0.00 -7.24
C SER B 168 12.92 -0.61 -5.93
N LYS B 169 12.63 0.03 -4.81
CA LYS B 169 13.12 -0.46 -3.52
C LYS B 169 12.20 -1.52 -2.93
N ASP B 170 11.09 -1.10 -2.32
CA ASP B 170 10.21 -2.00 -1.60
C ASP B 170 9.29 -2.79 -2.52
N SER B 171 9.29 -2.51 -3.83
CA SER B 171 8.48 -3.24 -4.81
C SER B 171 6.99 -3.11 -4.54
N THR B 172 6.57 -1.96 -4.02
CA THR B 172 5.16 -1.70 -3.76
C THR B 172 4.58 -0.77 -4.82
N TYR B 173 3.27 -0.62 -4.79
CA TYR B 173 2.55 0.28 -5.67
C TYR B 173 1.88 1.39 -4.86
N SER B 174 1.61 2.50 -5.54
CA SER B 174 0.95 3.64 -4.91
C SER B 174 -0.13 4.18 -5.84
N MET B 175 -1.14 4.81 -5.25
CA MET B 175 -2.26 5.33 -6.01
C MET B 175 -2.70 6.68 -5.44
N SER B 176 -3.09 7.58 -6.33
CA SER B 176 -3.63 8.89 -5.96
C SER B 176 -5.00 9.06 -6.58
N SER B 177 -5.98 9.44 -5.77
CA SER B 177 -7.34 9.67 -6.24
C SER B 177 -7.76 11.07 -5.84
N THR B 178 -8.13 11.88 -6.82
CA THR B 178 -8.51 13.27 -6.61
C THR B 178 -9.95 13.47 -7.04
N LEU B 179 -10.81 13.87 -6.10
CA LEU B 179 -12.20 14.21 -6.37
C LEU B 179 -12.32 15.72 -6.44
N THR B 180 -12.65 16.25 -7.62
CA THR B 180 -12.70 17.68 -7.87
C THR B 180 -14.16 18.12 -7.96
N LEU B 181 -14.52 19.11 -7.14
CA LEU B 181 -15.84 19.69 -7.13
C LEU B 181 -15.73 21.20 -7.21
N THR B 182 -16.82 21.86 -7.59
CA THR B 182 -16.89 23.30 -7.44
C THR B 182 -16.89 23.64 -5.96
N LYS B 183 -16.43 24.86 -5.65
CA LYS B 183 -16.38 25.28 -4.26
C LYS B 183 -17.76 25.20 -3.60
N ASP B 184 -18.81 25.52 -4.35
CA ASP B 184 -20.15 25.44 -3.81
C ASP B 184 -20.54 24.01 -3.47
N GLU B 185 -20.42 23.10 -4.45
CA GLU B 185 -20.79 21.70 -4.24
C GLU B 185 -20.07 21.11 -3.03
N TYR B 186 -18.82 21.51 -2.80
CA TYR B 186 -18.06 20.96 -1.69
C TYR B 186 -18.60 21.43 -0.35
N GLU B 187 -18.94 22.72 -0.24
CA GLU B 187 -19.41 23.27 1.03
C GLU B 187 -20.82 22.81 1.39
N ARG B 188 -21.55 22.19 0.47
CA ARG B 188 -22.87 21.66 0.77
C ARG B 188 -22.83 20.31 1.46
N HIS B 189 -21.68 19.89 1.97
CA HIS B 189 -21.54 18.58 2.59
C HIS B 189 -20.49 18.64 3.69
N ASN B 190 -20.63 17.75 4.67
CA ASN B 190 -19.80 17.76 5.88
C ASN B 190 -18.69 16.72 5.83
N SER B 191 -19.03 15.45 5.63
CA SER B 191 -18.06 14.36 5.71
C SER B 191 -17.74 13.81 4.33
N TYR B 192 -16.46 13.58 4.07
CA TYR B 192 -15.97 13.02 2.82
C TYR B 192 -15.12 11.80 3.14
N THR B 193 -15.34 10.71 2.40
CA THR B 193 -14.72 9.43 2.70
C THR B 193 -14.03 8.87 1.47
N CYS B 194 -12.76 8.49 1.64
CA CYS B 194 -12.02 7.76 0.62
C CYS B 194 -12.03 6.28 0.99
N GLU B 195 -12.76 5.49 0.22
CA GLU B 195 -12.99 4.08 0.52
C GLU B 195 -12.27 3.22 -0.51
N ALA B 196 -11.39 2.35 -0.02
CA ALA B 196 -10.61 1.47 -0.88
C ALA B 196 -10.92 0.01 -0.55
N THR B 197 -10.87 -0.83 -1.58
CA THR B 197 -10.97 -2.27 -1.45
C THR B 197 -9.66 -2.89 -1.93
N HIS B 198 -9.02 -3.68 -1.08
CA HIS B 198 -7.72 -4.25 -1.38
C HIS B 198 -7.63 -5.64 -0.75
N LYS B 199 -6.76 -6.48 -1.33
CA LYS B 199 -6.64 -7.85 -0.87
C LYS B 199 -6.26 -7.94 0.60
N THR B 200 -5.44 -7.00 1.08
CA THR B 200 -4.96 -7.01 2.46
C THR B 200 -6.05 -6.74 3.49
N SER B 201 -7.33 -6.65 3.12
CA SER B 201 -8.39 -6.40 4.09
C SER B 201 -9.70 -6.96 3.56
N THR B 202 -10.37 -7.76 4.39
CA THR B 202 -11.68 -8.29 4.04
C THR B 202 -12.80 -7.27 4.24
N SER B 203 -12.49 -6.10 4.78
CA SER B 203 -13.41 -4.99 4.89
C SER B 203 -12.86 -3.82 4.09
N PRO B 204 -13.72 -2.88 3.67
CA PRO B 204 -13.22 -1.69 2.97
C PRO B 204 -12.29 -0.88 3.87
N ILE B 205 -11.30 -0.25 3.24
CA ILE B 205 -10.34 0.60 3.93
C ILE B 205 -10.83 2.04 3.79
N VAL B 206 -11.21 2.65 4.91
CA VAL B 206 -11.86 3.96 4.90
C VAL B 206 -10.94 4.99 5.55
N LYS B 207 -10.94 6.19 5.00
CA LYS B 207 -10.27 7.35 5.56
C LYS B 207 -11.15 8.56 5.28
N SER B 208 -11.51 9.29 6.35
CA SER B 208 -12.52 10.32 6.24
C SER B 208 -12.10 11.57 7.00
N PHE B 209 -12.84 12.65 6.77
CA PHE B 209 -12.69 13.89 7.52
C PHE B 209 -14.02 14.62 7.50
N ASN B 210 -14.26 15.41 8.54
CA ASN B 210 -15.42 16.29 8.61
C ASN B 210 -14.99 17.70 8.21
N ARG B 211 -15.84 18.36 7.42
CA ARG B 211 -15.50 19.67 6.89
C ARG B 211 -15.36 20.74 7.97
N GLY B 212 -15.79 20.46 9.19
CA GLY B 212 -15.68 21.41 10.28
C GLY B 212 -15.41 20.77 11.62
N GLU C 3 38.26 -2.22 -59.56
CA GLU C 3 37.83 -3.49 -58.98
C GLU C 3 38.47 -3.77 -57.61
N LEU C 4 37.66 -3.72 -56.56
CA LEU C 4 38.13 -4.02 -55.21
C LEU C 4 38.18 -5.52 -54.98
N GLN C 5 39.22 -5.95 -54.25
CA GLN C 5 39.32 -7.32 -53.78
C GLN C 5 39.36 -7.33 -52.26
N VAL C 6 38.83 -8.41 -51.68
CA VAL C 6 38.92 -8.65 -50.24
C VAL C 6 39.90 -9.80 -50.03
N ILE C 7 41.02 -9.49 -49.38
CA ILE C 7 42.12 -10.44 -49.22
C ILE C 7 42.28 -10.74 -47.75
N GLN C 8 42.19 -12.03 -47.39
CA GLN C 8 42.50 -12.52 -46.05
C GLN C 8 43.79 -13.32 -46.12
N PRO C 9 44.93 -12.75 -45.74
CA PRO C 9 46.22 -13.41 -45.98
C PRO C 9 46.46 -14.67 -45.15
N ASP C 10 45.55 -15.03 -44.25
CA ASP C 10 45.68 -16.23 -43.43
C ASP C 10 44.56 -17.20 -43.79
N LYS C 11 44.95 -18.38 -44.27
CA LYS C 11 43.97 -19.44 -44.50
C LYS C 11 43.44 -19.99 -43.18
N SER C 12 44.32 -20.14 -42.19
CA SER C 12 43.94 -20.68 -40.89
C SER C 12 44.84 -20.10 -39.83
N VAL C 13 44.40 -20.19 -38.58
CA VAL C 13 45.08 -19.59 -37.44
C VAL C 13 44.85 -20.47 -36.21
N LEU C 14 45.89 -20.66 -35.41
CA LEU C 14 45.81 -21.41 -34.16
C LEU C 14 46.22 -20.53 -33.01
N VAL C 15 45.33 -20.40 -32.01
CA VAL C 15 45.62 -19.66 -30.79
C VAL C 15 45.24 -20.53 -29.60
N ALA C 16 45.80 -20.19 -28.45
CA ALA C 16 45.46 -20.86 -27.21
C ALA C 16 44.27 -20.17 -26.55
N ALA C 17 43.56 -20.93 -25.71
CA ALA C 17 42.42 -20.39 -25.00
C ALA C 17 42.87 -19.28 -24.06
N GLY C 18 42.15 -18.16 -24.07
CA GLY C 18 42.52 -16.99 -23.32
C GLY C 18 43.34 -15.98 -24.10
N GLU C 19 43.95 -16.38 -25.21
CA GLU C 19 44.71 -15.46 -26.04
C GLU C 19 43.77 -14.64 -26.93
N THR C 20 44.36 -13.82 -27.79
CA THR C 20 43.63 -13.00 -28.73
C THR C 20 43.78 -13.56 -30.13
N ALA C 21 42.70 -13.52 -30.90
CA ALA C 21 42.68 -13.99 -32.29
C ALA C 21 42.67 -12.78 -33.22
N THR C 22 43.72 -12.64 -34.03
CA THR C 22 43.83 -11.57 -35.00
C THR C 22 43.46 -12.12 -36.37
N LEU C 23 42.34 -11.64 -36.91
CA LEU C 23 41.85 -12.06 -38.21
C LEU C 23 42.19 -10.96 -39.22
N ARG C 24 43.16 -11.24 -40.08
CA ARG C 24 43.69 -10.23 -40.99
C ARG C 24 42.84 -10.12 -42.25
N CYS C 25 42.70 -8.89 -42.75
CA CYS C 25 41.93 -8.61 -43.94
C CYS C 25 42.32 -7.24 -44.48
N THR C 26 42.59 -7.17 -45.79
CA THR C 26 42.88 -5.91 -46.46
C THR C 26 42.05 -5.81 -47.73
N ALA C 27 41.53 -4.61 -47.98
CA ALA C 27 40.89 -4.29 -49.24
C ALA C 27 41.89 -3.62 -50.18
N THR C 28 41.73 -3.86 -51.46
CA THR C 28 42.64 -3.31 -52.47
C THR C 28 42.14 -2.00 -53.06
N SER C 29 41.12 -1.33 -52.66
CA SER C 29 40.47 -0.22 -53.35
C SER C 29 39.55 0.48 -52.37
N LEU C 30 39.14 1.58 -52.41
CA LEU C 30 38.08 2.26 -51.68
C LEU C 30 36.75 2.26 -52.43
N ILE C 31 36.72 1.70 -53.63
CA ILE C 31 35.55 1.69 -54.49
C ILE C 31 35.05 0.25 -54.59
N PRO C 32 33.75 0.01 -54.37
CA PRO C 32 32.72 1.01 -54.05
C PRO C 32 32.73 1.40 -52.57
N VAL C 33 32.06 2.51 -52.25
CA VAL C 33 31.93 2.92 -50.86
C VAL C 33 30.99 1.96 -50.15
N GLY C 34 31.25 1.73 -48.87
CA GLY C 34 30.45 0.83 -48.07
C GLY C 34 31.20 0.24 -46.90
N PRO C 35 30.47 -0.27 -45.91
CA PRO C 35 31.10 -0.77 -44.70
C PRO C 35 31.60 -2.21 -44.86
N ILE C 36 32.45 -2.60 -43.92
CA ILE C 36 33.00 -3.95 -43.85
C ILE C 36 32.33 -4.68 -42.71
N GLN C 37 31.98 -5.96 -42.94
CA GLN C 37 31.38 -6.80 -41.92
C GLN C 37 32.13 -8.12 -41.83
N TRP C 38 32.26 -8.63 -40.61
CA TRP C 38 32.88 -9.93 -40.35
C TRP C 38 31.79 -10.93 -39.96
N PHE C 39 31.85 -12.11 -40.56
CA PHE C 39 30.93 -13.19 -40.24
C PHE C 39 31.71 -14.45 -39.90
N ARG C 40 31.12 -15.28 -39.04
CA ARG C 40 31.56 -16.66 -38.86
C ARG C 40 30.62 -17.56 -39.65
N GLY C 41 31.16 -18.26 -40.64
CA GLY C 41 30.36 -19.07 -41.52
C GLY C 41 29.79 -18.25 -42.66
N ALA C 42 29.23 -18.97 -43.63
CA ALA C 42 28.60 -18.35 -44.79
C ALA C 42 27.19 -18.92 -44.95
N GLY C 43 26.43 -18.31 -45.85
CA GLY C 43 25.07 -18.73 -46.09
C GLY C 43 24.07 -17.98 -45.23
N PRO C 44 22.82 -18.44 -45.23
CA PRO C 44 21.77 -17.67 -44.53
C PRO C 44 21.98 -17.57 -43.03
N GLY C 45 22.42 -18.64 -42.38
CA GLY C 45 22.51 -18.64 -40.93
C GLY C 45 23.84 -18.17 -40.36
N ARG C 46 24.60 -17.41 -41.13
CA ARG C 46 25.92 -16.98 -40.68
C ARG C 46 25.82 -16.00 -39.52
N GLU C 47 26.81 -16.06 -38.64
CA GLU C 47 26.83 -15.27 -37.41
C GLU C 47 27.58 -13.96 -37.65
N LEU C 48 26.93 -12.84 -37.32
CA LEU C 48 27.58 -11.54 -37.44
C LEU C 48 28.60 -11.37 -36.33
N ILE C 49 29.86 -11.15 -36.72
CA ILE C 49 30.94 -10.97 -35.76
C ILE C 49 31.30 -9.50 -35.59
N TYR C 50 31.27 -8.73 -36.67
CA TYR C 50 31.59 -7.31 -36.59
C TYR C 50 30.89 -6.55 -37.71
N ASN C 51 30.50 -5.32 -37.42
CA ASN C 51 29.92 -4.40 -38.38
C ASN C 51 30.34 -3.00 -37.98
N GLN C 52 31.11 -2.33 -38.85
CA GLN C 52 31.75 -1.08 -38.48
C GLN C 52 30.77 0.09 -38.38
N LYS C 53 29.50 -0.09 -38.75
CA LYS C 53 28.53 0.99 -38.74
C LYS C 53 27.42 0.82 -37.72
N GLU C 54 27.09 -0.41 -37.33
CA GLU C 54 26.01 -0.64 -36.38
C GLU C 54 26.18 -2.02 -35.76
N GLY C 55 25.74 -2.14 -34.51
CA GLY C 55 25.82 -3.42 -33.82
C GLY C 55 26.69 -3.38 -32.58
N HIS C 56 26.50 -4.34 -31.68
CA HIS C 56 27.23 -4.40 -30.42
C HIS C 56 28.23 -5.54 -30.51
N PHE C 57 29.52 -5.19 -30.49
CA PHE C 57 30.62 -6.17 -30.59
C PHE C 57 31.70 -5.79 -29.60
N PRO C 58 31.45 -6.02 -28.31
CA PRO C 58 32.43 -5.59 -27.28
C PRO C 58 33.69 -6.43 -27.25
N ARG C 59 33.71 -7.62 -27.84
CA ARG C 59 34.90 -8.46 -27.87
C ARG C 59 35.84 -8.11 -29.01
N VAL C 60 35.42 -7.27 -29.95
CA VAL C 60 36.16 -7.03 -31.18
C VAL C 60 36.82 -5.66 -31.11
N THR C 61 38.10 -5.60 -31.48
CA THR C 61 38.81 -4.35 -31.69
C THR C 61 39.48 -4.40 -33.06
N THR C 62 39.50 -3.25 -33.72
CA THR C 62 40.10 -3.15 -35.06
C THR C 62 41.60 -2.90 -34.93
N VAL C 63 42.37 -3.55 -35.80
CA VAL C 63 43.83 -3.37 -35.79
C VAL C 63 44.20 -1.95 -36.16
N SER C 64 43.51 -1.38 -37.14
CA SER C 64 43.76 -0.02 -37.61
CA SER C 64 43.76 -0.02 -37.61
C SER C 64 42.54 0.85 -37.33
N ASP C 65 42.68 2.14 -37.62
CA ASP C 65 41.59 3.11 -37.44
C ASP C 65 40.71 3.08 -38.69
N LEU C 66 39.51 2.51 -38.55
CA LEU C 66 38.58 2.42 -39.67
C LEU C 66 37.96 3.76 -40.03
N THR C 67 38.09 4.77 -39.18
CA THR C 67 37.52 6.08 -39.47
C THR C 67 38.34 6.86 -40.48
N LYS C 68 39.60 6.49 -40.70
CA LYS C 68 40.40 7.15 -41.71
C LYS C 68 39.86 6.82 -43.10
N ARG C 69 39.73 7.85 -43.93
CA ARG C 69 39.10 7.69 -45.24
C ARG C 69 39.91 6.78 -46.15
N ASN C 70 41.23 6.79 -46.04
CA ASN C 70 42.10 6.00 -46.90
C ASN C 70 42.45 4.64 -46.29
N ASN C 71 41.80 4.25 -45.20
CA ASN C 71 42.12 2.97 -44.56
C ASN C 71 41.65 1.81 -45.43
N MET C 72 42.51 0.80 -45.55
CA MET C 72 42.18 -0.43 -46.27
C MET C 72 42.48 -1.67 -45.44
N ASP C 73 42.94 -1.51 -44.21
CA ASP C 73 43.13 -2.61 -43.29
C ASP C 73 41.87 -2.81 -42.48
N PHE C 74 41.24 -3.99 -42.63
CA PHE C 74 40.03 -4.33 -41.89
C PHE C 74 40.25 -5.55 -41.00
N SER C 75 41.48 -5.75 -40.56
CA SER C 75 41.79 -6.79 -39.59
C SER C 75 41.15 -6.46 -38.24
N ILE C 76 40.71 -7.50 -37.54
CA ILE C 76 40.10 -7.34 -36.23
C ILE C 76 40.76 -8.30 -35.26
N ARG C 77 40.61 -8.00 -33.97
CA ARG C 77 41.09 -8.85 -32.89
C ARG C 77 39.91 -9.23 -32.00
N ILE C 78 39.77 -10.52 -31.73
CA ILE C 78 38.76 -11.04 -30.81
C ILE C 78 39.48 -11.48 -29.55
N GLY C 79 39.12 -10.85 -28.41
CA GLY C 79 39.82 -11.10 -27.18
C GLY C 79 39.24 -12.24 -26.37
N ASN C 80 40.07 -12.80 -25.50
CA ASN C 80 39.70 -13.88 -24.59
C ASN C 80 39.04 -15.03 -25.34
N ILE C 81 39.85 -15.65 -26.20
CA ILE C 81 39.36 -16.72 -27.07
C ILE C 81 39.06 -17.97 -26.24
N THR C 82 37.92 -18.59 -26.51
CA THR C 82 37.54 -19.86 -25.93
C THR C 82 37.37 -20.87 -27.05
N PRO C 83 37.31 -22.18 -26.76
CA PRO C 83 37.08 -23.15 -27.84
C PRO C 83 35.81 -22.90 -28.63
N ALA C 84 34.81 -22.23 -28.04
CA ALA C 84 33.57 -21.97 -28.74
C ALA C 84 33.74 -20.96 -29.88
N ASP C 85 34.85 -20.22 -29.91
CA ASP C 85 35.09 -19.26 -30.98
C ASP C 85 35.67 -19.88 -32.23
N ALA C 86 35.92 -21.19 -32.22
CA ALA C 86 36.48 -21.86 -33.38
C ALA C 86 35.50 -21.84 -34.55
N GLY C 87 36.02 -21.67 -35.75
CA GLY C 87 35.20 -21.63 -36.93
C GLY C 87 35.90 -20.90 -38.05
N THR C 88 35.15 -20.68 -39.13
CA THR C 88 35.65 -19.99 -40.32
C THR C 88 35.09 -18.57 -40.35
N TYR C 89 35.98 -17.59 -40.41
CA TYR C 89 35.61 -16.18 -40.36
C TYR C 89 35.84 -15.55 -41.72
N TYR C 90 34.85 -14.78 -42.19
CA TYR C 90 34.87 -14.18 -43.51
C TYR C 90 34.86 -12.66 -43.39
N CYS C 91 35.78 -12.02 -44.09
CA CYS C 91 35.81 -10.56 -44.23
C CYS C 91 35.00 -10.18 -45.45
N VAL C 92 33.94 -9.40 -45.26
CA VAL C 92 32.96 -9.14 -46.31
C VAL C 92 32.84 -7.63 -46.51
N LYS C 93 32.95 -7.20 -47.76
CA LYS C 93 32.72 -5.81 -48.13
C LYS C 93 31.27 -5.65 -48.59
N PHE C 94 30.59 -4.65 -48.03
CA PHE C 94 29.23 -4.32 -48.39
C PHE C 94 29.19 -3.04 -49.19
N ARG C 95 28.19 -2.94 -50.08
CA ARG C 95 27.91 -1.72 -50.81
C ARG C 95 26.54 -1.20 -50.41
N LYS C 96 26.28 0.06 -50.77
CA LYS C 96 24.96 0.64 -50.54
C LYS C 96 23.98 0.12 -51.57
N GLY C 97 22.81 -0.30 -51.13
CA GLY C 97 21.82 -0.87 -52.01
C GLY C 97 20.42 -0.77 -51.45
N SER C 98 19.57 -1.70 -51.86
CA SER C 98 18.17 -1.73 -51.49
C SER C 98 17.78 -3.12 -51.00
N PRO C 99 17.00 -3.22 -49.91
CA PRO C 99 16.52 -2.10 -49.12
C PRO C 99 17.57 -1.58 -48.13
N ASP C 100 18.53 -2.43 -47.81
CA ASP C 100 19.61 -2.07 -46.89
C ASP C 100 20.96 -2.27 -47.59
N ASP C 101 22.03 -2.34 -46.81
CA ASP C 101 23.35 -2.59 -47.39
C ASP C 101 23.38 -3.97 -48.04
N VAL C 102 24.07 -4.06 -49.17
CA VAL C 102 24.13 -5.28 -49.96
C VAL C 102 25.57 -5.76 -50.01
N GLU C 103 25.76 -7.07 -49.80
CA GLU C 103 27.09 -7.66 -49.85
C GLU C 103 27.70 -7.51 -51.24
N PHE C 104 28.93 -7.03 -51.29
CA PHE C 104 29.64 -6.84 -52.55
C PHE C 104 30.62 -7.97 -52.82
N LYS C 105 31.61 -8.15 -51.94
CA LYS C 105 32.57 -9.24 -52.06
C LYS C 105 32.92 -9.77 -50.69
N SER C 106 33.23 -11.06 -50.63
CA SER C 106 33.65 -11.72 -49.41
C SER C 106 35.05 -12.29 -49.58
N GLY C 107 35.82 -12.27 -48.50
CA GLY C 107 37.10 -12.93 -48.51
C GLY C 107 36.96 -14.45 -48.56
N ALA C 108 38.08 -15.12 -48.80
CA ALA C 108 38.08 -16.57 -48.89
C ALA C 108 37.93 -17.25 -47.55
N GLY C 109 38.07 -16.53 -46.45
CA GLY C 109 37.83 -17.10 -45.13
C GLY C 109 39.11 -17.43 -44.39
N THR C 110 39.04 -17.35 -43.07
CA THR C 110 40.15 -17.69 -42.19
C THR C 110 39.66 -18.64 -41.12
N GLU C 111 40.17 -19.86 -41.12
CA GLU C 111 39.76 -20.88 -40.15
C GLU C 111 40.46 -20.64 -38.82
N LEU C 112 39.68 -20.41 -37.77
CA LEU C 112 40.21 -20.21 -36.43
C LEU C 112 40.05 -21.50 -35.64
N SER C 113 41.17 -22.06 -35.19
CA SER C 113 41.18 -23.21 -34.30
C SER C 113 41.78 -22.81 -32.96
N VAL C 114 41.31 -23.45 -31.90
CA VAL C 114 41.64 -23.05 -30.53
C VAL C 114 42.18 -24.26 -29.78
N ARG C 115 43.31 -24.06 -29.09
CA ARG C 115 43.84 -25.06 -28.18
C ARG C 115 43.31 -24.78 -26.78
N ALA C 116 42.58 -25.74 -26.22
CA ALA C 116 41.94 -25.53 -24.94
C ALA C 116 42.96 -25.56 -23.80
N LYS C 117 42.53 -25.10 -22.63
CA LYS C 117 43.36 -25.11 -21.45
C LYS C 117 43.46 -26.51 -20.86
N GLU D 1 -18.50 -16.18 36.22
CA GLU D 1 -19.05 -15.97 34.88
C GLU D 1 -18.00 -16.26 33.81
N VAL D 2 -18.42 -16.19 32.54
CA VAL D 2 -17.53 -16.47 31.42
C VAL D 2 -16.49 -15.36 31.32
N GLN D 3 -15.22 -15.74 31.19
CA GLN D 3 -14.14 -14.79 31.04
C GLN D 3 -13.03 -15.42 30.21
N LEU D 4 -12.45 -14.61 29.32
CA LEU D 4 -11.30 -15.01 28.52
C LEU D 4 -10.14 -14.08 28.88
N GLN D 5 -9.07 -14.66 29.40
CA GLN D 5 -7.91 -13.90 29.87
C GLN D 5 -6.76 -14.07 28.89
N GLN D 6 -6.30 -12.96 28.33
CA GLN D 6 -5.22 -12.96 27.36
C GLN D 6 -3.90 -12.54 27.99
N SER D 7 -2.81 -12.86 27.31
CA SER D 7 -1.48 -12.51 27.79
C SER D 7 -1.17 -11.04 27.52
N GLY D 8 -0.12 -10.56 28.17
CA GLY D 8 0.24 -9.16 28.06
C GLY D 8 0.85 -8.82 26.72
N ALA D 9 1.14 -7.52 26.56
CA ALA D 9 1.64 -7.01 25.29
C ALA D 9 3.01 -7.60 24.97
N GLU D 10 3.30 -7.70 23.68
CA GLU D 10 4.52 -8.33 23.18
C GLU D 10 5.30 -7.36 22.31
N LEU D 11 6.62 -7.48 22.37
CA LEU D 11 7.53 -6.79 21.46
C LEU D 11 8.29 -7.84 20.68
N VAL D 12 8.07 -7.90 19.37
CA VAL D 12 8.64 -8.93 18.51
C VAL D 12 9.54 -8.26 17.47
N LYS D 13 10.70 -8.85 17.23
CA LYS D 13 11.57 -8.35 16.19
C LYS D 13 11.05 -8.82 14.83
N PRO D 14 11.30 -8.03 13.77
CA PRO D 14 10.80 -8.41 12.44
C PRO D 14 11.34 -9.76 11.99
N GLY D 15 10.44 -10.58 11.43
CA GLY D 15 10.79 -11.91 10.98
C GLY D 15 10.68 -12.99 12.04
N ALA D 16 10.52 -12.63 13.30
CA ALA D 16 10.41 -13.59 14.38
C ALA D 16 8.96 -14.01 14.57
N SER D 17 8.75 -14.98 15.46
CA SER D 17 7.43 -15.49 15.79
C SER D 17 6.98 -14.99 17.16
N VAL D 18 5.69 -15.15 17.43
CA VAL D 18 5.11 -14.76 18.71
C VAL D 18 4.08 -15.79 19.13
N LYS D 19 3.91 -15.96 20.44
CA LYS D 19 2.91 -16.85 21.01
C LYS D 19 1.97 -16.04 21.87
N LEU D 20 0.67 -16.14 21.57
CA LEU D 20 -0.37 -15.47 22.34
C LEU D 20 -1.22 -16.52 23.03
N SER D 21 -1.62 -16.24 24.27
CA SER D 21 -2.38 -17.19 25.07
C SER D 21 -3.74 -16.62 25.42
N CYS D 22 -4.67 -17.54 25.75
CA CYS D 22 -6.05 -17.16 26.05
C CYS D 22 -6.59 -18.21 27.03
N THR D 23 -6.59 -17.87 28.31
CA THR D 23 -7.03 -18.77 29.36
C THR D 23 -8.48 -18.45 29.71
N ALA D 24 -9.33 -19.46 29.64
CA ALA D 24 -10.76 -19.29 29.89
C ALA D 24 -11.11 -19.68 31.31
N SER D 25 -12.14 -19.02 31.84
CA SER D 25 -12.71 -19.36 33.15
C SER D 25 -14.22 -19.18 33.06
N GLY D 26 -14.91 -19.91 33.94
CA GLY D 26 -16.36 -19.93 33.90
C GLY D 26 -16.96 -20.91 32.92
N PHE D 27 -16.13 -21.58 32.12
CA PHE D 27 -16.61 -22.59 31.19
C PHE D 27 -15.42 -23.43 30.73
N ASN D 28 -15.73 -24.54 30.08
CA ASN D 28 -14.72 -25.44 29.53
C ASN D 28 -14.55 -25.14 28.04
N ILE D 29 -13.29 -24.96 27.61
CA ILE D 29 -13.03 -24.55 26.24
C ILE D 29 -13.44 -25.63 25.24
N LYS D 30 -13.50 -26.89 25.64
CA LYS D 30 -13.93 -27.95 24.72
C LYS D 30 -15.40 -27.83 24.34
N ASP D 31 -16.17 -27.00 25.04
CA ASP D 31 -17.59 -26.83 24.73
C ASP D 31 -17.84 -25.87 23.58
N TYR D 32 -16.87 -25.04 23.23
CA TYR D 32 -17.08 -24.00 22.23
C TYR D 32 -15.85 -23.83 21.37
N TYR D 33 -16.05 -23.27 20.18
CA TYR D 33 -14.93 -22.84 19.35
C TYR D 33 -14.28 -21.61 19.98
N ILE D 34 -12.95 -21.57 19.94
CA ILE D 34 -12.18 -20.45 20.44
C ILE D 34 -11.59 -19.72 19.24
N HIS D 35 -12.04 -18.50 19.01
CA HIS D 35 -11.66 -17.73 17.84
C HIS D 35 -10.54 -16.75 18.17
N TRP D 36 -9.83 -16.32 17.14
CA TRP D 36 -8.81 -15.28 17.23
C TRP D 36 -9.09 -14.22 16.18
N VAL D 37 -8.99 -12.95 16.58
CA VAL D 37 -9.33 -11.82 15.73
C VAL D 37 -8.20 -10.80 15.79
N GLN D 38 -7.88 -10.21 14.64
CA GLN D 38 -6.84 -9.19 14.53
C GLN D 38 -7.49 -7.84 14.23
N GLN D 39 -7.09 -6.83 15.01
CA GLN D 39 -7.59 -5.46 14.82
C GLN D 39 -6.41 -4.51 14.77
N ARG D 40 -6.13 -3.96 13.59
CA ARG D 40 -5.07 -2.98 13.43
C ARG D 40 -5.55 -1.59 13.81
N THR D 41 -4.63 -0.64 13.80
CA THR D 41 -4.94 0.74 14.16
C THR D 41 -5.98 1.34 13.23
N GLU D 42 -7.16 1.62 13.78
CA GLU D 42 -8.26 2.23 13.02
C GLU D 42 -8.56 1.45 11.74
N GLN D 43 -8.72 0.14 11.90
CA GLN D 43 -8.96 -0.76 10.79
C GLN D 43 -10.11 -1.70 11.14
N GLY D 44 -10.57 -2.44 10.12
CA GLY D 44 -11.63 -3.38 10.33
C GLY D 44 -11.13 -4.69 10.92
N LEU D 45 -11.99 -5.29 11.75
CA LEU D 45 -11.65 -6.54 12.41
C LEU D 45 -11.43 -7.65 11.39
N GLU D 46 -10.37 -8.41 11.56
CA GLU D 46 -10.01 -9.52 10.68
C GLU D 46 -10.08 -10.83 11.46
N TRP D 47 -10.99 -11.71 11.06
CA TRP D 47 -11.06 -13.03 11.66
C TRP D 47 -9.86 -13.86 11.23
N ILE D 48 -9.11 -14.36 12.20
CA ILE D 48 -7.92 -15.16 11.92
C ILE D 48 -8.27 -16.64 11.78
N GLY D 49 -9.04 -17.17 12.73
CA GLY D 49 -9.39 -18.57 12.70
C GLY D 49 -9.96 -18.99 14.03
N ARG D 50 -10.19 -20.30 14.16
CA ARG D 50 -10.70 -20.85 15.40
C ARG D 50 -10.17 -22.26 15.58
N ILE D 51 -10.38 -22.79 16.78
CA ILE D 51 -10.06 -24.18 17.10
C ILE D 51 -11.21 -24.76 17.90
N ASP D 52 -11.50 -26.04 17.65
CA ASP D 52 -12.44 -26.81 18.46
C ASP D 52 -11.63 -27.66 19.43
N PRO D 53 -11.46 -27.24 20.68
CA PRO D 53 -10.62 -28.00 21.62
C PRO D 53 -11.13 -29.40 21.92
N GLU D 54 -12.37 -29.71 21.55
CA GLU D 54 -12.89 -31.05 21.80
C GLU D 54 -12.19 -32.08 20.93
N ASP D 55 -12.07 -31.80 19.63
CA ASP D 55 -11.40 -32.70 18.70
C ASP D 55 -10.14 -32.10 18.09
N GLY D 56 -9.79 -30.87 18.42
CA GLY D 56 -8.59 -30.25 17.90
C GLY D 56 -8.69 -29.71 16.50
N GLU D 57 -9.88 -29.69 15.91
CA GLU D 57 -10.03 -29.18 14.55
C GLU D 57 -9.81 -27.67 14.52
N THR D 58 -9.05 -27.22 13.51
CA THR D 58 -8.74 -25.82 13.34
C THR D 58 -9.29 -25.31 12.01
N LYS D 59 -9.68 -24.04 12.01
CA LYS D 59 -10.03 -23.32 10.79
C LYS D 59 -9.16 -22.07 10.72
N TYR D 60 -8.84 -21.65 9.49
CA TYR D 60 -8.05 -20.44 9.29
C TYR D 60 -8.63 -19.65 8.12
N ALA D 61 -8.70 -18.33 8.30
CA ALA D 61 -9.03 -17.47 7.19
C ALA D 61 -7.90 -17.51 6.16
N PRO D 62 -8.22 -17.30 4.87
CA PRO D 62 -7.17 -17.35 3.85
C PRO D 62 -6.03 -16.37 4.09
N LYS D 63 -6.29 -15.26 4.78
CA LYS D 63 -5.27 -14.25 5.01
C LYS D 63 -4.20 -14.73 5.97
N PHE D 64 -4.55 -15.64 6.90
CA PHE D 64 -3.63 -16.06 7.95
C PHE D 64 -3.27 -17.54 7.87
N GLN D 65 -3.60 -18.23 6.77
CA GLN D 65 -3.48 -19.68 6.75
C GLN D 65 -2.02 -20.13 6.82
N ASP D 66 -1.11 -19.40 6.16
CA ASP D 66 0.28 -19.79 6.07
C ASP D 66 1.13 -19.31 7.24
N LYS D 67 0.61 -18.40 8.06
CA LYS D 67 1.38 -17.83 9.16
C LYS D 67 0.85 -18.16 10.55
N ALA D 68 -0.38 -18.64 10.66
CA ALA D 68 -1.02 -18.82 11.96
C ALA D 68 -1.17 -20.29 12.30
N THR D 69 -0.98 -20.62 13.57
CA THR D 69 -1.25 -21.95 14.11
C THR D 69 -1.99 -21.78 15.42
N ILE D 70 -3.16 -22.38 15.53
CA ILE D 70 -3.99 -22.29 16.72
C ILE D 70 -4.00 -23.66 17.41
N THR D 71 -3.63 -23.67 18.69
CA THR D 71 -3.61 -24.89 19.48
C THR D 71 -4.42 -24.66 20.75
N ALA D 72 -4.68 -25.75 21.47
CA ALA D 72 -5.45 -25.71 22.70
C ALA D 72 -4.87 -26.68 23.71
N ASP D 73 -4.90 -26.29 24.98
CA ASP D 73 -4.46 -27.11 26.11
C ASP D 73 -5.65 -27.24 27.06
N THR D 74 -6.43 -28.31 26.90
CA THR D 74 -7.65 -28.46 27.67
C THR D 74 -7.38 -28.64 29.16
N SER D 75 -6.23 -29.23 29.52
CA SER D 75 -5.91 -29.43 30.92
C SER D 75 -5.69 -28.12 31.66
N SER D 76 -5.36 -27.04 30.96
CA SER D 76 -5.21 -25.72 31.55
C SER D 76 -6.26 -24.73 31.05
N ASN D 77 -7.21 -25.19 30.25
CA ASN D 77 -8.31 -24.36 29.75
C ASN D 77 -7.79 -23.17 28.96
N THR D 78 -6.69 -23.37 28.24
CA THR D 78 -5.99 -22.31 27.53
C THR D 78 -5.87 -22.64 26.06
N ALA D 79 -6.11 -21.64 25.21
CA ALA D 79 -5.89 -21.72 23.78
C ALA D 79 -4.73 -20.80 23.40
N TYR D 80 -4.00 -21.19 22.36
CA TYR D 80 -2.82 -20.46 21.91
C TYR D 80 -2.95 -20.09 20.45
N LEU D 81 -2.36 -18.94 20.10
CA LEU D 81 -2.22 -18.50 18.71
C LEU D 81 -0.74 -18.27 18.44
N HIS D 82 -0.21 -18.93 17.43
CA HIS D 82 1.19 -18.77 17.03
C HIS D 82 1.24 -18.11 15.67
N LEU D 83 1.94 -16.99 15.57
CA LEU D 83 2.12 -16.25 14.34
C LEU D 83 3.61 -16.20 14.00
N SER D 84 3.94 -16.45 12.74
CA SER D 84 5.32 -16.52 12.30
C SER D 84 5.60 -15.46 11.24
N SER D 85 6.90 -15.17 11.07
CA SER D 85 7.38 -14.25 10.04
C SER D 85 6.69 -12.88 10.16
N LEU D 86 6.73 -12.33 11.37
CA LEU D 86 6.02 -11.08 11.63
C LEU D 86 6.73 -9.89 11.00
N THR D 87 5.94 -8.99 10.44
CA THR D 87 6.40 -7.71 9.93
C THR D 87 5.63 -6.59 10.63
N SER D 88 6.00 -5.34 10.33
CA SER D 88 5.27 -4.20 10.87
C SER D 88 3.82 -4.19 10.43
N GLU D 89 3.50 -4.91 9.35
CA GLU D 89 2.10 -5.06 8.93
C GLU D 89 1.29 -5.79 9.98
N ASP D 90 1.93 -6.67 10.76
CA ASP D 90 1.25 -7.49 11.76
C ASP D 90 1.12 -6.79 13.11
N THR D 91 1.65 -5.58 13.26
CA THR D 91 1.47 -4.82 14.48
C THR D 91 -0.01 -4.51 14.67
N ALA D 92 -0.63 -5.11 15.70
CA ALA D 92 -2.07 -4.96 15.90
C ALA D 92 -2.41 -5.44 17.30
N VAL D 93 -3.70 -5.32 17.64
CA VAL D 93 -4.27 -5.91 18.85
C VAL D 93 -4.95 -7.21 18.44
N TYR D 94 -4.65 -8.28 19.17
CA TYR D 94 -5.16 -9.60 18.85
C TYR D 94 -6.11 -10.07 19.95
N TYR D 95 -7.35 -10.34 19.59
CA TYR D 95 -8.36 -10.80 20.52
C TYR D 95 -8.57 -12.30 20.38
N CYS D 96 -8.88 -12.94 21.49
CA CYS D 96 -9.48 -14.27 21.49
C CYS D 96 -10.93 -14.15 21.92
N ALA D 97 -11.79 -14.99 21.32
CA ALA D 97 -13.22 -14.85 21.54
C ALA D 97 -13.92 -16.19 21.43
N ARG D 98 -14.89 -16.40 22.30
CA ARG D 98 -15.92 -17.42 22.10
C ARG D 98 -17.10 -16.75 21.41
N TRP D 99 -17.45 -17.24 20.23
CA TRP D 99 -18.19 -16.40 19.28
C TRP D 99 -19.56 -16.03 19.84
N GLY D 100 -19.95 -14.79 19.58
CA GLY D 100 -21.05 -14.19 20.29
C GLY D 100 -20.62 -12.96 21.07
N ALA D 101 -20.57 -13.05 22.40
CA ALA D 101 -20.37 -11.87 23.23
C ALA D 101 -19.15 -11.91 24.12
N TYR D 102 -18.31 -12.94 24.04
CA TYR D 102 -17.23 -13.15 25.00
C TYR D 102 -15.89 -12.90 24.31
N TRP D 103 -15.21 -11.85 24.74
CA TRP D 103 -13.94 -11.43 24.16
C TRP D 103 -12.93 -11.20 25.27
N GLY D 104 -11.65 -11.46 24.96
CA GLY D 104 -10.58 -11.08 25.85
C GLY D 104 -10.30 -9.59 25.75
N GLN D 105 -9.39 -9.12 26.61
CA GLN D 105 -9.04 -7.71 26.61
C GLN D 105 -8.13 -7.32 25.46
N GLY D 106 -7.60 -8.28 24.72
CA GLY D 106 -6.74 -7.97 23.59
C GLY D 106 -5.28 -7.90 23.94
N THR D 107 -4.43 -8.44 23.06
CA THR D 107 -2.98 -8.44 23.26
C THR D 107 -2.33 -7.61 22.16
N LEU D 108 -1.69 -6.50 22.56
CA LEU D 108 -0.98 -5.66 21.62
C LEU D 108 0.36 -6.30 21.25
N VAL D 109 0.62 -6.45 19.96
CA VAL D 109 1.86 -7.01 19.45
C VAL D 109 2.54 -5.93 18.61
N THR D 110 3.68 -5.45 19.08
CA THR D 110 4.46 -4.45 18.36
C THR D 110 5.63 -5.16 17.68
N VAL D 111 5.67 -5.08 16.35
CA VAL D 111 6.75 -5.66 15.57
C VAL D 111 7.73 -4.55 15.23
N SER D 112 8.88 -4.55 15.91
CA SER D 112 9.87 -3.50 15.75
C SER D 112 11.22 -4.00 16.22
N ALA D 113 12.27 -3.42 15.66
CA ALA D 113 13.64 -3.69 16.06
C ALA D 113 14.17 -2.72 17.10
N ALA D 114 13.38 -1.71 17.45
CA ALA D 114 13.80 -0.73 18.45
C ALA D 114 13.96 -1.39 19.81
N LYS D 115 14.84 -0.81 20.63
CA LYS D 115 15.17 -1.40 21.91
C LYS D 115 14.17 -0.99 22.98
N THR D 116 13.96 -1.87 23.95
CA THR D 116 13.10 -1.55 25.08
C THR D 116 13.78 -0.50 25.96
N THR D 117 13.06 0.57 26.28
CA THR D 117 13.61 1.68 27.03
C THR D 117 12.66 2.05 28.17
N PRO D 118 13.15 2.17 29.40
CA PRO D 118 12.26 2.53 30.50
C PRO D 118 11.87 3.99 30.43
N PRO D 119 10.66 4.34 30.88
CA PRO D 119 10.23 5.73 30.81
C PRO D 119 10.81 6.58 31.94
N SER D 120 10.79 7.89 31.71
CA SER D 120 11.07 8.87 32.73
C SER D 120 9.75 9.48 33.18
N VAL D 121 9.44 9.36 34.47
CA VAL D 121 8.17 9.81 35.02
C VAL D 121 8.41 11.12 35.76
N TYR D 122 7.79 12.19 35.29
CA TYR D 122 8.02 13.54 35.82
C TYR D 122 6.72 14.12 36.35
N PRO D 123 6.65 14.51 37.62
CA PRO D 123 5.43 15.14 38.13
C PRO D 123 5.25 16.53 37.58
N LEU D 124 3.99 16.89 37.29
CA LEU D 124 3.64 18.20 36.76
C LEU D 124 2.81 18.93 37.81
N ALA D 125 3.36 20.02 38.35
CA ALA D 125 2.70 20.81 39.36
C ALA D 125 2.75 22.28 39.01
N PRO D 126 1.72 23.06 39.38
CA PRO D 126 1.70 24.51 39.14
C PRO D 126 2.88 25.24 39.76
N ASN D 133 -9.43 29.11 40.66
CA ASN D 133 -8.81 28.47 41.80
C ASN D 133 -9.77 27.50 42.48
N SER D 134 -10.93 27.28 41.86
CA SER D 134 -11.88 26.31 42.38
C SER D 134 -11.35 24.89 42.22
N MET D 135 -11.16 24.46 40.97
CA MET D 135 -10.52 23.19 40.68
C MET D 135 -9.07 23.42 40.30
N VAL D 136 -8.24 22.41 40.54
CA VAL D 136 -6.81 22.47 40.22
C VAL D 136 -6.47 21.24 39.37
N THR D 137 -5.62 21.44 38.37
CA THR D 137 -5.21 20.39 37.44
C THR D 137 -3.78 20.00 37.75
N LEU D 138 -3.56 18.73 38.08
CA LEU D 138 -2.23 18.16 38.25
C LEU D 138 -1.90 17.28 37.06
N GLY D 139 -0.61 16.98 36.90
CA GLY D 139 -0.15 16.26 35.73
C GLY D 139 0.89 15.21 36.07
N CYS D 140 1.33 14.50 35.04
CA CYS D 140 2.28 13.40 35.18
C CYS D 140 2.81 13.09 33.80
N LEU D 141 4.09 13.38 33.57
CA LEU D 141 4.69 13.29 32.24
C LEU D 141 5.53 12.02 32.14
N VAL D 142 5.23 11.20 31.13
CA VAL D 142 5.90 9.92 30.90
C VAL D 142 6.60 10.05 29.55
N LYS D 143 7.91 10.23 29.56
CA LYS D 143 8.66 10.58 28.36
C LYS D 143 9.75 9.55 28.08
N GLY D 144 9.87 9.18 26.81
CA GLY D 144 11.02 8.42 26.33
C GLY D 144 11.02 6.95 26.71
N TYR D 145 9.94 6.24 26.41
CA TYR D 145 9.87 4.81 26.67
C TYR D 145 9.55 4.05 25.39
N PHE D 146 9.84 2.78 25.45
CA PHE D 146 9.58 1.86 24.38
C PHE D 146 9.57 0.47 24.91
N PRO D 147 8.62 -0.33 24.50
CA PRO D 147 7.46 -0.04 23.69
C PRO D 147 6.25 0.24 24.51
N GLU D 148 5.13 0.27 23.85
CA GLU D 148 3.87 0.45 24.46
C GLU D 148 3.51 -0.85 25.11
N PRO D 149 2.76 -0.82 26.15
CA PRO D 149 2.09 0.31 26.72
C PRO D 149 2.50 0.60 28.08
N VAL D 150 2.02 1.68 28.59
CA VAL D 150 2.23 2.03 29.96
C VAL D 150 0.87 2.15 30.60
N THR D 151 0.82 1.91 31.86
CA THR D 151 -0.41 2.03 32.64
C THR D 151 -0.26 3.20 33.59
N VAL D 152 -1.15 4.18 33.47
CA VAL D 152 -1.14 5.37 34.31
C VAL D 152 -2.42 5.38 35.13
N THR D 153 -2.27 5.26 36.44
CA THR D 153 -3.36 5.42 37.38
C THR D 153 -3.01 6.52 38.38
N TRP D 154 -4.04 7.07 39.00
CA TRP D 154 -3.88 8.10 40.02
C TRP D 154 -4.38 7.56 41.35
N ASN D 155 -3.48 7.52 42.35
CA ASN D 155 -3.79 7.00 43.68
C ASN D 155 -4.29 5.55 43.60
N SER D 156 -3.58 4.74 42.80
CA SER D 156 -3.86 3.31 42.66
C SER D 156 -5.27 3.05 42.12
N GLY D 157 -5.75 3.95 41.26
CA GLY D 157 -7.03 3.76 40.60
C GLY D 157 -8.23 4.37 41.31
N SER D 158 -8.03 4.99 42.47
CA SER D 158 -9.15 5.60 43.18
C SER D 158 -9.56 6.94 42.59
N LEU D 159 -8.68 7.60 41.84
CA LEU D 159 -8.99 8.85 41.16
C LEU D 159 -9.25 8.51 39.69
N SER D 160 -10.52 8.35 39.33
CA SER D 160 -10.91 8.06 37.95
C SER D 160 -11.59 9.23 37.27
N SER D 161 -12.44 9.98 37.96
CA SER D 161 -13.08 11.13 37.37
C SER D 161 -12.10 12.29 37.26
N GLY D 162 -12.33 13.15 36.27
CA GLY D 162 -11.45 14.28 36.06
C GLY D 162 -10.06 13.93 35.59
N VAL D 163 -9.88 12.75 35.00
CA VAL D 163 -8.58 12.27 34.55
C VAL D 163 -8.58 12.24 33.03
N HIS D 164 -7.52 12.79 32.43
CA HIS D 164 -7.33 12.76 30.98
C HIS D 164 -5.94 12.19 30.69
N THR D 165 -5.90 10.92 30.31
CA THR D 165 -4.66 10.27 29.87
C THR D 165 -4.61 10.32 28.36
N PHE D 166 -3.59 10.97 27.83
CA PHE D 166 -3.52 11.21 26.39
C PHE D 166 -2.75 10.10 25.69
N PRO D 167 -3.14 9.78 24.45
CA PRO D 167 -2.44 8.72 23.71
C PRO D 167 -0.97 9.05 23.51
N ALA D 168 -0.14 8.02 23.61
CA ALA D 168 1.30 8.19 23.44
C ALA D 168 1.63 8.54 22.00
N VAL D 169 2.67 9.35 21.83
CA VAL D 169 3.16 9.78 20.53
C VAL D 169 4.55 9.19 20.31
N LEU D 170 4.73 8.50 19.20
CA LEU D 170 6.01 7.88 18.87
C LEU D 170 6.83 8.83 18.01
N GLN D 171 8.10 9.01 18.38
CA GLN D 171 9.03 9.81 17.59
C GLN D 171 10.42 9.22 17.72
N SER D 172 10.96 8.73 16.61
CA SER D 172 12.30 8.13 16.56
C SER D 172 12.47 7.06 17.62
N ASP D 173 11.55 6.09 17.58
CA ASP D 173 11.60 4.86 18.38
C ASP D 173 11.37 5.09 19.87
N LEU D 174 10.81 6.24 20.26
CA LEU D 174 10.51 6.51 21.65
C LEU D 174 9.13 7.13 21.78
N TYR D 175 8.39 6.72 22.80
CA TYR D 175 7.05 7.22 23.07
C TYR D 175 7.08 8.31 24.13
N THR D 176 6.08 9.19 24.08
CA THR D 176 5.88 10.21 25.10
C THR D 176 4.39 10.29 25.41
N LEU D 177 4.04 10.22 26.69
CA LEU D 177 2.65 10.20 27.12
C LEU D 177 2.47 11.16 28.29
N SER D 178 1.30 11.77 28.36
CA SER D 178 0.95 12.68 29.44
C SER D 178 -0.44 12.36 29.97
N SER D 179 -0.66 12.68 31.24
CA SER D 179 -1.94 12.42 31.89
C SER D 179 -2.22 13.54 32.88
N SER D 180 -3.42 14.12 32.79
CA SER D 180 -3.84 15.19 33.68
C SER D 180 -4.95 14.71 34.59
N VAL D 181 -4.98 15.27 35.80
CA VAL D 181 -6.05 15.01 36.76
C VAL D 181 -6.47 16.33 37.38
N THR D 182 -7.79 16.55 37.46
CA THR D 182 -8.34 17.79 38.01
C THR D 182 -9.12 17.45 39.27
N VAL D 183 -8.62 17.90 40.41
CA VAL D 183 -9.28 17.70 41.69
C VAL D 183 -9.65 19.08 42.24
N PRO D 184 -10.57 19.15 43.19
CA PRO D 184 -10.85 20.44 43.84
C PRO D 184 -9.61 20.96 44.55
N SER D 185 -9.38 22.27 44.40
CA SER D 185 -8.25 22.91 45.07
C SER D 185 -8.35 22.86 46.58
N SER D 186 -9.49 22.42 47.12
CA SER D 186 -9.63 22.20 48.55
C SER D 186 -9.08 20.84 48.98
N THR D 187 -8.62 20.01 48.03
CA THR D 187 -8.09 18.69 48.32
C THR D 187 -6.58 18.60 48.15
N TRP D 188 -6.02 19.27 47.14
CA TRP D 188 -4.58 19.29 46.93
C TRP D 188 -4.04 20.69 47.18
N PRO D 189 -2.90 20.81 47.88
CA PRO D 189 -2.09 19.71 48.41
C PRO D 189 -2.51 19.26 49.79
N SER D 190 -3.77 19.55 50.16
CA SER D 190 -4.26 19.14 51.47
C SER D 190 -4.24 17.62 51.63
N GLU D 191 -4.50 16.89 50.54
CA GLU D 191 -4.39 15.45 50.50
C GLU D 191 -3.34 15.05 49.48
N THR D 192 -3.03 13.75 49.46
CA THR D 192 -1.99 13.21 48.59
C THR D 192 -2.57 12.79 47.25
N VAL D 193 -1.92 13.24 46.17
CA VAL D 193 -2.25 12.83 44.81
C VAL D 193 -0.98 12.28 44.17
N THR D 194 -1.05 11.04 43.70
CA THR D 194 0.12 10.34 43.17
C THR D 194 -0.27 9.63 41.88
N CYS D 195 0.60 9.72 40.87
CA CYS D 195 0.41 9.00 39.62
C CYS D 195 1.28 7.76 39.62
N ASN D 196 0.65 6.60 39.39
CA ASN D 196 1.35 5.32 39.33
C ASN D 196 1.57 4.97 37.87
N VAL D 197 2.83 4.79 37.49
CA VAL D 197 3.21 4.50 36.11
C VAL D 197 3.84 3.12 36.08
N ALA D 198 3.23 2.20 35.33
CA ALA D 198 3.72 0.84 35.17
C ALA D 198 4.13 0.63 33.73
N HIS D 199 5.39 0.21 33.52
CA HIS D 199 5.90 -0.15 32.20
C HIS D 199 6.47 -1.55 32.30
N PRO D 200 5.63 -2.58 32.12
CA PRO D 200 6.10 -3.96 32.34
C PRO D 200 7.23 -4.38 31.41
N ALA D 201 7.32 -3.79 30.22
CA ALA D 201 8.36 -4.19 29.27
C ALA D 201 9.75 -3.94 29.83
N SER D 202 9.93 -2.84 30.56
CA SER D 202 11.21 -2.51 31.18
C SER D 202 11.24 -2.79 32.67
N SER D 203 10.22 -3.49 33.19
CA SER D 203 10.09 -3.81 34.62
C SER D 203 10.16 -2.56 35.49
N THR D 204 9.31 -1.58 35.17
CA THR D 204 9.28 -0.30 35.88
C THR D 204 7.93 -0.13 36.56
N LYS D 205 7.95 0.02 37.88
CA LYS D 205 6.81 0.46 38.66
C LYS D 205 7.23 1.71 39.42
N VAL D 206 6.57 2.83 39.15
CA VAL D 206 6.97 4.13 39.67
C VAL D 206 5.74 4.89 40.16
N ASP D 207 5.85 5.48 41.35
CA ASP D 207 4.83 6.36 41.91
C ASP D 207 5.46 7.73 42.15
N LYS D 208 4.86 8.76 41.59
CA LYS D 208 5.37 10.13 41.70
C LYS D 208 4.31 11.01 42.34
N LYS D 209 4.55 11.41 43.59
CA LYS D 209 3.66 12.35 44.26
C LYS D 209 3.81 13.73 43.65
N ILE D 210 2.69 14.45 43.57
CA ILE D 210 2.66 15.79 42.97
C ILE D 210 2.92 16.79 44.10
N VAL D 211 4.17 17.22 44.23
CA VAL D 211 4.56 18.17 45.27
C VAL D 211 4.39 19.58 44.73
N PRO D 212 3.94 20.54 45.55
CA PRO D 212 3.73 21.91 45.05
C PRO D 212 5.02 22.60 44.66
N ARG D 213 4.90 23.86 44.25
CA ARG D 213 6.04 24.68 43.82
C ARG D 213 6.81 24.00 42.68
N ILE E 2 -17.52 -12.27 1.86
CA ILE E 2 -18.55 -11.24 1.77
C ILE E 2 -18.01 -9.91 2.27
N VAL E 3 -18.12 -8.88 1.44
CA VAL E 3 -17.68 -7.54 1.78
C VAL E 3 -18.85 -6.77 2.38
N LEU E 4 -18.66 -6.25 3.59
CA LEU E 4 -19.68 -5.49 4.30
C LEU E 4 -19.32 -4.01 4.20
N THR E 5 -20.16 -3.24 3.52
CA THR E 5 -19.97 -1.80 3.34
C THR E 5 -20.93 -1.07 4.26
N GLN E 6 -20.39 -0.37 5.26
CA GLN E 6 -21.20 0.45 6.15
C GLN E 6 -21.27 1.87 5.60
N SER E 7 -22.49 2.33 5.30
CA SER E 7 -22.67 3.53 4.48
C SER E 7 -22.05 4.78 5.08
N PRO E 8 -22.44 5.25 6.28
CA PRO E 8 -21.80 6.45 6.82
C PRO E 8 -20.56 6.09 7.61
N ALA E 9 -19.38 6.29 7.02
CA ALA E 9 -18.13 5.94 7.69
C ALA E 9 -17.97 6.73 8.98
N ILE E 10 -18.24 8.04 8.94
CA ILE E 10 -18.26 8.88 10.12
C ILE E 10 -19.56 9.65 10.15
N MET E 11 -20.05 9.93 11.36
CA MET E 11 -21.32 10.61 11.52
C MET E 11 -21.35 11.33 12.85
N SER E 12 -21.96 12.52 12.86
CA SER E 12 -22.21 13.29 14.07
C SER E 12 -23.70 13.44 14.28
N ALA E 13 -24.18 13.11 15.47
CA ALA E 13 -25.59 13.12 15.79
C ALA E 13 -25.83 13.90 17.07
N SER E 14 -26.83 14.78 17.05
CA SER E 14 -27.20 15.55 18.22
C SER E 14 -28.05 14.67 19.16
N PRO E 15 -28.08 15.01 20.45
CA PRO E 15 -28.88 14.22 21.40
C PRO E 15 -30.36 14.22 21.01
N GLY E 16 -30.96 13.03 21.05
CA GLY E 16 -32.35 12.86 20.67
C GLY E 16 -32.58 12.55 19.21
N GLU E 17 -31.59 12.75 18.36
CA GLU E 17 -31.75 12.51 16.93
C GLU E 17 -31.88 11.03 16.64
N LYS E 18 -32.73 10.68 15.68
CA LYS E 18 -32.87 9.31 15.23
C LYS E 18 -31.71 8.97 14.29
N VAL E 19 -30.95 7.94 14.64
CA VAL E 19 -29.74 7.56 13.92
C VAL E 19 -29.98 6.22 13.24
N THR E 20 -29.62 6.12 11.96
CA THR E 20 -29.74 4.89 11.19
C THR E 20 -28.39 4.57 10.58
N LEU E 21 -27.79 3.46 11.02
CA LEU E 21 -26.55 2.96 10.42
C LEU E 21 -26.89 1.87 9.41
N THR E 22 -26.23 1.92 8.26
CA THR E 22 -26.53 1.02 7.15
C THR E 22 -25.37 0.06 6.93
N CYS E 23 -25.70 -1.20 6.64
CA CYS E 23 -24.72 -2.24 6.33
C CYS E 23 -25.17 -2.97 5.08
N ALA E 24 -24.40 -2.85 4.01
CA ALA E 24 -24.70 -3.49 2.74
C ALA E 24 -23.65 -4.56 2.45
N SER E 25 -24.11 -5.78 2.18
CA SER E 25 -23.22 -6.91 1.94
C SER E 25 -23.15 -7.22 0.45
N SER E 26 -21.96 -7.61 0.00
CA SER E 26 -21.78 -7.95 -1.41
C SER E 26 -22.58 -9.18 -1.79
N SER E 27 -22.84 -10.08 -0.85
CA SER E 27 -23.62 -11.28 -1.10
C SER E 27 -24.63 -11.43 0.04
N VAL E 28 -25.60 -12.32 -0.19
CA VAL E 28 -26.66 -12.52 0.78
C VAL E 28 -26.10 -13.12 2.06
N SER E 29 -26.52 -12.57 3.20
CA SER E 29 -26.13 -13.11 4.49
C SER E 29 -27.18 -14.07 5.01
N SER E 30 -27.42 -14.04 6.33
CA SER E 30 -28.42 -14.91 6.97
C SER E 30 -28.57 -14.30 8.36
N SER E 31 -29.11 -15.05 9.31
CA SER E 31 -29.20 -14.61 10.70
C SER E 31 -27.92 -14.43 11.50
N TYR E 32 -26.79 -14.40 10.81
CA TYR E 32 -25.49 -14.19 11.40
C TYR E 32 -25.12 -12.71 11.41
N LEU E 33 -26.02 -11.85 10.94
CA LEU E 33 -25.78 -10.41 10.92
C LEU E 33 -25.76 -9.87 12.34
N TYR E 34 -24.58 -9.89 12.97
CA TYR E 34 -24.40 -9.31 14.28
C TYR E 34 -23.92 -7.87 14.16
N TRP E 35 -24.21 -7.09 15.19
CA TRP E 35 -23.70 -5.73 15.33
C TRP E 35 -22.87 -5.66 16.61
N TYR E 36 -21.71 -4.99 16.53
CA TYR E 36 -20.82 -4.82 17.65
C TYR E 36 -20.59 -3.34 17.92
N GLN E 37 -20.46 -2.99 19.20
CA GLN E 37 -20.09 -1.65 19.61
C GLN E 37 -18.69 -1.71 20.23
N GLN E 38 -17.84 -0.78 19.85
CA GLN E 38 -16.50 -0.70 20.42
C GLN E 38 -16.15 0.75 20.70
N LYS E 39 -15.64 1.01 21.90
CA LYS E 39 -15.10 2.30 22.29
C LYS E 39 -13.58 2.22 22.40
N PRO E 40 -12.88 3.34 22.19
CA PRO E 40 -11.41 3.28 22.13
C PRO E 40 -10.79 2.65 23.37
N GLY E 41 -9.86 1.72 23.15
CA GLY E 41 -9.15 1.10 24.24
C GLY E 41 -9.88 -0.02 24.94
N SER E 42 -10.95 -0.55 24.35
CA SER E 42 -11.70 -1.63 24.97
C SER E 42 -12.08 -2.65 23.90
N SER E 43 -12.49 -3.83 24.36
CA SER E 43 -12.86 -4.91 23.47
C SER E 43 -14.22 -4.64 22.84
N PRO E 44 -14.48 -5.19 21.65
CA PRO E 44 -15.81 -5.06 21.05
C PRO E 44 -16.87 -5.72 21.92
N LYS E 45 -18.06 -5.13 21.91
CA LYS E 45 -19.19 -5.62 22.68
C LYS E 45 -20.31 -6.03 21.73
N LEU E 46 -20.77 -7.26 21.86
CA LEU E 46 -21.91 -7.71 21.07
C LEU E 46 -23.13 -6.87 21.41
N TRP E 47 -23.68 -6.19 20.40
CA TRP E 47 -24.78 -5.25 20.58
C TRP E 47 -26.10 -5.79 20.05
N ILE E 48 -26.12 -6.25 18.81
CA ILE E 48 -27.31 -6.86 18.21
C ILE E 48 -26.90 -8.18 17.60
N TYR E 49 -27.70 -9.22 17.84
CA TYR E 49 -27.43 -10.55 17.30
C TYR E 49 -28.66 -11.06 16.56
N SER E 50 -28.41 -11.82 15.50
CA SER E 50 -29.43 -12.31 14.58
C SER E 50 -30.33 -11.16 14.11
N THR E 51 -29.68 -10.15 13.55
CA THR E 51 -30.33 -9.02 12.88
C THR E 51 -31.13 -8.06 13.74
N SER E 52 -31.89 -8.53 14.71
CA SER E 52 -32.92 -7.70 15.34
C SER E 52 -33.02 -7.91 16.84
N ASN E 53 -32.14 -8.69 17.45
CA ASN E 53 -32.22 -8.99 18.87
C ASN E 53 -31.12 -8.25 19.63
N LEU E 54 -31.51 -7.54 20.69
CA LEU E 54 -30.57 -6.80 21.50
C LEU E 54 -29.90 -7.72 22.51
N ALA E 55 -28.58 -7.57 22.64
CA ALA E 55 -27.84 -8.31 23.65
C ALA E 55 -28.18 -7.79 25.05
N SER E 56 -27.77 -8.54 26.06
CA SER E 56 -28.06 -8.18 27.44
C SER E 56 -27.37 -6.86 27.79
N GLY E 57 -28.16 -5.92 28.33
CA GLY E 57 -27.64 -4.63 28.73
C GLY E 57 -27.73 -3.55 27.68
N VAL E 58 -28.13 -3.89 26.45
CA VAL E 58 -28.26 -2.89 25.39
C VAL E 58 -29.58 -2.15 25.55
N PRO E 59 -29.57 -0.81 25.59
CA PRO E 59 -30.82 -0.07 25.82
C PRO E 59 -31.84 -0.31 24.72
N ALA E 60 -33.11 -0.10 25.07
CA ALA E 60 -34.21 -0.33 24.14
C ALA E 60 -34.26 0.70 23.02
N ARG E 61 -33.50 1.79 23.12
CA ARG E 61 -33.46 2.75 22.02
C ARG E 61 -32.79 2.19 20.79
N PHE E 62 -32.03 1.10 20.92
CA PHE E 62 -31.40 0.44 19.80
C PHE E 62 -32.33 -0.58 19.18
N SER E 63 -32.22 -0.75 17.86
CA SER E 63 -32.96 -1.77 17.14
C SER E 63 -32.21 -2.11 15.87
N GLY E 64 -32.53 -3.27 15.31
CA GLY E 64 -31.91 -3.70 14.07
C GLY E 64 -32.93 -4.37 13.18
N SER E 65 -32.68 -4.32 11.88
CA SER E 65 -33.58 -4.92 10.91
C SER E 65 -32.81 -5.13 9.60
N GLY E 66 -33.45 -5.84 8.68
CA GLY E 66 -32.90 -6.09 7.37
C GLY E 66 -32.95 -7.55 7.02
N SER E 67 -32.54 -7.84 5.78
CA SER E 67 -32.50 -9.20 5.25
C SER E 67 -31.67 -9.16 3.96
N GLY E 68 -31.30 -10.36 3.50
CA GLY E 68 -30.54 -10.48 2.27
C GLY E 68 -29.22 -9.75 2.28
N THR E 69 -29.15 -8.61 1.59
CA THR E 69 -27.92 -7.84 1.48
C THR E 69 -28.02 -6.45 2.08
N SER E 70 -29.13 -6.11 2.73
CA SER E 70 -29.34 -4.79 3.29
C SER E 70 -29.79 -4.92 4.74
N TYR E 71 -28.98 -4.41 5.66
CA TYR E 71 -29.29 -4.41 7.08
C TYR E 71 -29.03 -3.04 7.67
N SER E 72 -29.62 -2.78 8.83
CA SER E 72 -29.50 -1.47 9.44
C SER E 72 -29.58 -1.57 10.96
N LEU E 73 -28.90 -0.63 11.62
CA LEU E 73 -29.00 -0.43 13.06
C LEU E 73 -29.57 0.96 13.30
N THR E 74 -30.55 1.06 14.20
CA THR E 74 -31.26 2.31 14.43
C THR E 74 -31.24 2.66 15.91
N ILE E 75 -30.88 3.90 16.22
CA ILE E 75 -31.01 4.47 17.55
C ILE E 75 -32.17 5.45 17.53
N SER E 76 -33.19 5.18 18.34
CA SER E 76 -34.39 6.01 18.31
C SER E 76 -34.10 7.43 18.78
N SER E 77 -33.29 7.58 19.82
CA SER E 77 -32.87 8.89 20.32
C SER E 77 -31.42 8.80 20.75
N MET E 78 -30.56 9.56 20.08
CA MET E 78 -29.13 9.50 20.35
C MET E 78 -28.82 10.00 21.76
N GLU E 79 -27.96 9.26 22.47
CA GLU E 79 -27.49 9.64 23.79
C GLU E 79 -25.98 9.77 23.77
N ALA E 80 -25.45 10.39 24.82
CA ALA E 80 -24.02 10.66 24.88
C ALA E 80 -23.21 9.37 24.96
N GLU E 81 -23.71 8.38 25.71
CA GLU E 81 -23.00 7.12 25.86
C GLU E 81 -22.98 6.29 24.58
N ASP E 82 -23.78 6.65 23.59
CA ASP E 82 -23.82 5.93 22.32
C ASP E 82 -22.68 6.31 21.39
N ALA E 83 -21.91 7.33 21.73
CA ALA E 83 -20.77 7.73 20.89
C ALA E 83 -19.71 6.64 20.88
N ALA E 84 -19.60 5.91 19.78
CA ALA E 84 -18.64 4.82 19.65
C ALA E 84 -18.60 4.41 18.18
N SER E 85 -17.84 3.36 17.90
CA SER E 85 -17.79 2.75 16.57
C SER E 85 -18.69 1.52 16.57
N TYR E 86 -19.41 1.32 15.47
CA TYR E 86 -20.34 0.22 15.33
C TYR E 86 -19.99 -0.59 14.08
N PHE E 87 -19.73 -1.87 14.27
CA PHE E 87 -19.36 -2.77 13.18
C PHE E 87 -20.48 -3.77 12.96
N CYS E 88 -20.91 -3.91 11.71
CA CYS E 88 -21.75 -5.05 11.36
C CYS E 88 -20.87 -6.25 11.03
N HIS E 89 -21.46 -7.43 11.16
CA HIS E 89 -20.69 -8.66 11.07
C HIS E 89 -21.57 -9.79 10.56
N GLN E 90 -21.00 -10.62 9.70
CA GLN E 90 -21.66 -11.83 9.22
C GLN E 90 -20.74 -13.01 9.45
N TRP E 91 -21.33 -14.15 9.83
CA TRP E 91 -20.58 -15.40 9.84
C TRP E 91 -21.44 -16.53 9.30
N SER E 92 -22.22 -16.23 8.26
CA SER E 92 -22.94 -17.24 7.49
C SER E 92 -22.11 -17.78 6.33
N SER E 93 -21.20 -16.97 5.80
CA SER E 93 -20.31 -17.35 4.72
C SER E 93 -18.87 -17.39 5.22
N TYR E 94 -18.06 -18.27 4.61
CA TYR E 94 -16.69 -18.45 5.03
C TYR E 94 -15.75 -17.64 4.16
N PRO E 95 -14.83 -16.85 4.74
CA PRO E 95 -14.71 -16.68 6.18
C PRO E 95 -15.63 -15.59 6.71
N ARG E 96 -15.84 -15.55 8.03
CA ARG E 96 -16.67 -14.50 8.60
C ARG E 96 -15.95 -13.16 8.50
N THR E 97 -16.72 -12.11 8.23
CA THR E 97 -16.16 -10.81 7.94
C THR E 97 -16.86 -9.73 8.76
N PHE E 98 -16.18 -8.61 8.91
CA PHE E 98 -16.69 -7.43 9.59
C PHE E 98 -16.73 -6.26 8.63
N GLY E 99 -17.57 -5.28 8.94
CA GLY E 99 -17.54 -4.04 8.22
C GLY E 99 -16.46 -3.10 8.73
N ALA E 100 -16.17 -2.07 7.93
CA ALA E 100 -15.16 -1.10 8.34
C ALA E 100 -15.61 -0.27 9.53
N GLY E 101 -16.90 -0.22 9.81
CA GLY E 101 -17.38 0.44 11.00
C GLY E 101 -17.89 1.84 10.72
N THR E 102 -18.85 2.28 11.53
CA THR E 102 -19.34 3.64 11.53
C THR E 102 -18.94 4.29 12.85
N LYS E 103 -18.12 5.34 12.77
CA LYS E 103 -17.74 6.10 13.96
C LYS E 103 -18.82 7.14 14.23
N LEU E 104 -19.56 6.95 15.31
CA LEU E 104 -20.69 7.80 15.66
C LEU E 104 -20.27 8.80 16.73
N GLU E 105 -20.37 10.09 16.41
CA GLU E 105 -20.01 11.17 17.32
C GLU E 105 -21.27 11.82 17.87
N LEU E 106 -21.19 12.25 19.13
CA LEU E 106 -22.24 13.02 19.76
C LEU E 106 -21.98 14.50 19.53
N LYS E 107 -22.90 15.18 18.84
CA LYS E 107 -22.79 16.61 18.60
C LYS E 107 -23.41 17.35 19.78
N ARG E 108 -22.57 17.93 20.62
CA ARG E 108 -23.01 18.70 21.76
C ARG E 108 -22.78 20.19 21.49
N ALA E 109 -23.11 21.01 22.49
CA ALA E 109 -22.89 22.45 22.37
C ALA E 109 -21.41 22.77 22.38
N ASP E 110 -21.07 23.92 21.81
CA ASP E 110 -19.67 24.34 21.78
C ASP E 110 -19.18 24.64 23.19
N ALA E 111 -17.91 24.30 23.45
CA ALA E 111 -17.31 24.51 24.75
C ALA E 111 -15.88 25.00 24.57
N ALA E 112 -15.52 26.06 25.28
CA ALA E 112 -14.15 26.56 25.25
C ALA E 112 -13.25 25.66 26.09
N PRO E 113 -11.97 25.56 25.74
CA PRO E 113 -11.06 24.68 26.48
C PRO E 113 -10.56 25.32 27.77
N THR E 114 -10.32 24.45 28.74
CA THR E 114 -9.68 24.85 30.00
C THR E 114 -8.18 24.60 29.86
N VAL E 115 -7.40 25.69 29.88
CA VAL E 115 -5.98 25.64 29.58
C VAL E 115 -5.18 25.66 30.87
N SER E 116 -4.14 24.84 30.94
CA SER E 116 -3.27 24.78 32.10
C SER E 116 -1.85 24.48 31.65
N ILE E 117 -0.89 25.27 32.13
CA ILE E 117 0.50 25.14 31.73
C ILE E 117 1.33 24.69 32.93
N PHE E 118 2.43 23.98 32.64
CA PHE E 118 3.26 23.42 33.69
C PHE E 118 4.74 23.59 33.35
N PRO E 119 5.53 24.15 34.26
CA PRO E 119 6.98 24.23 34.05
C PRO E 119 7.59 22.85 34.12
N PRO E 120 8.82 22.68 33.60
CA PRO E 120 9.49 21.38 33.75
C PRO E 120 9.88 21.13 35.20
N SER E 121 9.70 19.89 35.63
CA SER E 121 10.01 19.52 37.00
C SER E 121 11.51 19.53 37.23
N SER E 122 11.89 19.66 38.51
CA SER E 122 13.30 19.62 38.87
C SER E 122 13.91 18.25 38.63
N GLU E 123 13.11 17.19 38.59
CA GLU E 123 13.64 15.87 38.23
C GLU E 123 14.12 15.84 36.79
N GLN E 124 13.33 16.43 35.88
CA GLN E 124 13.72 16.45 34.47
C GLN E 124 14.88 17.40 34.22
N LEU E 125 14.88 18.56 34.87
CA LEU E 125 16.01 19.48 34.74
C LEU E 125 17.30 18.83 35.21
N THR E 126 17.22 17.96 36.22
CA THR E 126 18.38 17.17 36.62
C THR E 126 18.80 16.20 35.53
N SER E 127 17.85 15.78 34.68
CA SER E 127 18.13 14.83 33.62
C SER E 127 18.61 15.48 32.32
N GLY E 128 18.82 16.80 32.32
CA GLY E 128 19.33 17.49 31.15
C GLY E 128 18.30 17.97 30.16
N GLY E 129 17.02 17.65 30.38
CA GLY E 129 15.95 18.10 29.51
C GLY E 129 15.02 19.04 30.25
N ALA E 130 14.03 19.54 29.50
CA ALA E 130 13.04 20.45 30.05
C ALA E 130 11.82 20.45 29.13
N SER E 131 10.71 19.93 29.64
CA SER E 131 9.46 19.88 28.89
C SER E 131 8.44 20.79 29.55
N VAL E 132 7.87 21.71 28.77
CA VAL E 132 6.77 22.55 29.22
C VAL E 132 5.48 21.98 28.63
N VAL E 133 4.55 21.60 29.50
CA VAL E 133 3.33 20.90 29.11
C VAL E 133 2.15 21.85 29.21
N CYS E 134 1.27 21.78 28.21
CA CYS E 134 0.05 22.60 28.18
C CYS E 134 -1.14 21.68 27.94
N PHE E 135 -2.10 21.70 28.84
CA PHE E 135 -3.31 20.89 28.75
C PHE E 135 -4.48 21.74 28.29
N LEU E 136 -5.15 21.30 27.23
CA LEU E 136 -6.38 21.92 26.75
C LEU E 136 -7.49 20.91 26.97
N ASN E 137 -8.30 21.13 28.00
CA ASN E 137 -9.22 20.12 28.50
C ASN E 137 -10.67 20.52 28.27
N ASN E 138 -11.46 19.58 27.78
CA ASN E 138 -12.93 19.65 27.76
C ASN E 138 -13.41 20.82 26.90
N PHE E 139 -13.21 20.65 25.59
CA PHE E 139 -13.69 21.61 24.61
C PHE E 139 -14.47 20.89 23.52
N TYR E 140 -15.25 21.66 22.76
CA TYR E 140 -16.01 21.14 21.63
C TYR E 140 -16.27 22.29 20.68
N PRO E 141 -16.15 22.10 19.36
CA PRO E 141 -15.81 20.83 18.69
C PRO E 141 -14.33 20.47 18.77
N LYS E 142 -13.95 19.43 18.02
CA LYS E 142 -12.57 18.95 18.06
C LYS E 142 -11.61 20.03 17.58
N ASP E 143 -11.96 20.72 16.50
CA ASP E 143 -11.09 21.72 15.89
C ASP E 143 -10.54 22.71 16.90
N ILE E 144 -9.21 22.85 16.93
CA ILE E 144 -8.54 23.78 17.83
C ILE E 144 -7.11 24.00 17.34
N ASN E 145 -6.46 25.03 17.86
CA ASN E 145 -5.08 25.34 17.50
C ASN E 145 -4.31 25.76 18.74
N VAL E 146 -3.05 25.31 18.82
CA VAL E 146 -2.15 25.62 19.93
C VAL E 146 -0.93 26.32 19.37
N LYS E 147 -0.46 27.36 20.08
CA LYS E 147 0.72 28.10 19.65
C LYS E 147 1.60 28.36 20.87
N TRP E 148 2.86 27.94 20.78
CA TRP E 148 3.83 28.21 21.83
C TRP E 148 4.60 29.48 21.51
N LYS E 149 4.95 30.23 22.55
CA LYS E 149 5.78 31.42 22.40
C LYS E 149 6.83 31.44 23.50
N ILE E 150 8.09 31.60 23.11
CA ILE E 150 9.21 31.66 24.05
C ILE E 150 9.80 33.07 23.96
N ASP E 151 9.66 33.83 25.05
CA ASP E 151 10.08 35.23 25.09
C ASP E 151 9.44 36.04 23.97
N GLY E 152 8.18 35.75 23.68
CA GLY E 152 7.41 36.48 22.69
C GLY E 152 7.45 35.91 21.29
N SER E 153 8.44 35.08 20.98
CA SER E 153 8.57 34.48 19.65
C SER E 153 8.06 33.05 19.66
N GLU E 154 7.39 32.67 18.58
CA GLU E 154 6.80 31.34 18.50
C GLU E 154 7.82 30.31 18.05
N ARG E 155 7.75 29.12 18.65
CA ARG E 155 8.63 28.01 18.33
C ARG E 155 7.81 26.83 17.86
N GLN E 156 8.18 26.26 16.72
CA GLN E 156 7.51 25.09 16.17
C GLN E 156 8.31 23.81 16.33
N ASN E 157 9.54 23.89 16.83
CA ASN E 157 10.41 22.74 16.99
C ASN E 157 10.18 22.09 18.36
N GLY E 158 10.06 20.77 18.36
CA GLY E 158 9.91 20.03 19.60
C GLY E 158 8.55 20.14 20.25
N VAL E 159 7.47 20.03 19.47
CA VAL E 159 6.11 20.12 19.96
C VAL E 159 5.38 18.82 19.63
N LEU E 160 4.80 18.19 20.63
CA LEU E 160 4.03 16.96 20.48
C LEU E 160 2.58 17.23 20.88
N ASN E 161 1.66 16.93 19.96
CA ASN E 161 0.24 17.12 20.19
C ASN E 161 -0.45 15.76 20.23
N SER E 162 -1.27 15.54 21.25
CA SER E 162 -1.99 14.28 21.42
C SER E 162 -3.43 14.58 21.83
N TRP E 163 -4.36 13.81 21.29
CA TRP E 163 -5.79 14.05 21.44
C TRP E 163 -6.47 12.87 22.10
N THR E 164 -7.31 13.15 23.09
CA THR E 164 -8.20 12.12 23.60
C THR E 164 -9.38 11.95 22.65
N ASP E 165 -9.99 10.77 22.72
CA ASP E 165 -11.25 10.56 22.01
C ASP E 165 -12.38 11.27 22.76
N GLN E 166 -13.54 11.33 22.11
CA GLN E 166 -14.67 12.05 22.71
C GLN E 166 -15.08 11.40 24.02
N ASP E 167 -15.19 12.22 25.06
CA ASP E 167 -15.52 11.73 26.38
C ASP E 167 -16.92 11.12 26.39
N SER E 168 -17.06 10.00 27.10
CA SER E 168 -18.32 9.27 27.13
C SER E 168 -19.39 9.97 27.96
N LYS E 169 -19.04 10.97 28.76
CA LYS E 169 -19.97 11.60 29.68
C LYS E 169 -20.35 13.01 29.26
N ASP E 170 -19.39 13.93 29.17
CA ASP E 170 -19.67 15.31 28.76
C ASP E 170 -19.43 15.54 27.27
N SER E 171 -19.00 14.51 26.54
CA SER E 171 -18.90 14.55 25.08
C SER E 171 -17.92 15.59 24.57
N THR E 172 -16.91 15.92 25.38
CA THR E 172 -15.89 16.89 24.99
C THR E 172 -14.59 16.19 24.60
N TYR E 173 -13.68 16.96 24.04
CA TYR E 173 -12.35 16.51 23.69
C TYR E 173 -11.31 17.23 24.54
N SER E 174 -10.14 16.60 24.68
CA SER E 174 -9.02 17.19 25.39
C SER E 174 -7.76 17.01 24.57
N MET E 175 -6.79 17.89 24.80
CA MET E 175 -5.56 17.90 24.02
C MET E 175 -4.38 18.27 24.91
N SER E 176 -3.28 17.55 24.74
CA SER E 176 -2.02 17.84 25.42
C SER E 176 -0.97 18.27 24.40
N SER E 177 -0.25 19.34 24.71
CA SER E 177 0.82 19.85 23.87
C SER E 177 2.07 20.03 24.73
N THR E 178 3.15 19.36 24.35
CA THR E 178 4.38 19.36 25.12
C THR E 178 5.49 20.00 24.30
N LEU E 179 6.14 21.01 24.87
CA LEU E 179 7.28 21.69 24.27
C LEU E 179 8.53 21.29 25.06
N THR E 180 9.34 20.41 24.48
CA THR E 180 10.52 19.87 25.15
C THR E 180 11.78 20.54 24.61
N LEU E 181 12.62 21.01 25.53
CA LEU E 181 13.91 21.61 25.18
C LEU E 181 14.97 21.05 26.12
N THR E 182 16.22 21.22 25.73
CA THR E 182 17.30 20.85 26.63
C THR E 182 17.37 21.83 27.79
N LYS E 183 17.97 21.39 28.90
CA LYS E 183 18.02 22.22 30.09
C LYS E 183 18.80 23.50 29.86
N ASP E 184 19.81 23.47 28.99
CA ASP E 184 20.64 24.66 28.77
C ASP E 184 19.92 25.67 27.90
N GLU E 185 19.24 25.23 26.84
CA GLU E 185 18.44 26.15 26.04
C GLU E 185 17.14 26.54 26.73
N TYR E 186 16.74 25.80 27.77
CA TYR E 186 15.62 26.22 28.59
C TYR E 186 16.03 27.35 29.55
N GLU E 187 17.27 27.31 30.04
CA GLU E 187 17.76 28.29 30.99
C GLU E 187 18.45 29.48 30.33
N ARG E 188 18.11 29.77 29.07
CA ARG E 188 18.54 31.01 28.42
C ARG E 188 17.35 31.87 28.03
N HIS E 189 16.15 31.53 28.53
CA HIS E 189 14.95 32.31 28.30
C HIS E 189 14.17 32.37 29.60
N ASN E 190 13.13 33.19 29.63
CA ASN E 190 12.43 33.40 30.89
C ASN E 190 10.93 33.17 30.80
N SER E 191 10.28 33.64 29.74
CA SER E 191 8.82 33.57 29.63
C SER E 191 8.42 32.49 28.64
N TYR E 192 7.83 31.41 29.15
CA TYR E 192 7.22 30.37 28.34
C TYR E 192 5.72 30.45 28.48
N THR E 193 5.02 30.51 27.35
CA THR E 193 3.58 30.71 27.37
C THR E 193 2.90 29.84 26.32
N CYS E 194 1.68 29.43 26.65
CA CYS E 194 0.85 28.59 25.80
C CYS E 194 -0.38 29.38 25.34
N GLU E 195 -0.78 29.17 24.09
CA GLU E 195 -1.77 30.00 23.43
C GLU E 195 -2.74 29.11 22.68
N ALA E 196 -4.00 29.15 23.09
CA ALA E 196 -5.04 28.28 22.55
C ALA E 196 -6.06 29.12 21.79
N THR E 197 -6.37 28.71 20.56
CA THR E 197 -7.35 29.38 19.72
C THR E 197 -8.48 28.39 19.41
N HIS E 198 -9.70 28.74 19.81
CA HIS E 198 -10.85 27.85 19.64
C HIS E 198 -11.97 28.62 18.96
N LYS E 199 -12.90 27.86 18.37
CA LYS E 199 -14.03 28.46 17.65
C LYS E 199 -14.87 29.35 18.55
N THR E 200 -14.86 29.10 19.86
CA THR E 200 -15.76 29.79 20.77
C THR E 200 -15.48 31.28 20.89
N SER E 201 -14.29 31.75 20.53
CA SER E 201 -13.98 33.17 20.63
C SER E 201 -12.80 33.50 19.74
N THR E 202 -12.74 34.76 19.31
CA THR E 202 -11.62 35.23 18.51
C THR E 202 -10.38 35.49 19.37
N SER E 203 -10.58 35.83 20.64
CA SER E 203 -9.45 36.07 21.54
C SER E 203 -8.88 34.74 22.02
N PRO E 204 -7.58 34.50 21.85
CA PRO E 204 -7.01 33.23 22.30
C PRO E 204 -6.89 33.18 23.81
N ILE E 205 -7.04 31.96 24.34
CA ILE E 205 -6.83 31.73 25.77
C ILE E 205 -5.33 31.52 26.00
N VAL E 206 -4.72 32.42 26.76
CA VAL E 206 -3.27 32.48 26.91
C VAL E 206 -2.92 32.18 28.37
N LYS E 207 -2.06 31.19 28.58
CA LYS E 207 -1.49 30.89 29.88
C LYS E 207 0.03 30.99 29.78
N SER E 208 0.65 31.47 30.85
CA SER E 208 2.09 31.75 30.82
C SER E 208 2.69 31.53 32.20
N PHE E 209 4.01 31.45 32.24
CA PHE E 209 4.76 31.41 33.48
C PHE E 209 6.18 31.88 33.20
N ASN E 210 6.82 32.43 34.22
CA ASN E 210 8.20 32.87 34.14
C ASN E 210 8.89 32.61 35.47
N ARG E 211 10.19 32.36 35.40
CA ARG E 211 10.95 32.08 36.61
C ARG E 211 11.10 33.32 37.48
N GLU F 2 -27.27 -49.27 9.33
CA GLU F 2 -27.87 -47.96 9.12
C GLU F 2 -27.02 -46.85 9.73
N GLU F 3 -27.19 -45.64 9.20
CA GLU F 3 -26.44 -44.50 9.69
C GLU F 3 -27.08 -43.92 10.95
N LEU F 4 -26.44 -42.89 11.51
CA LEU F 4 -26.99 -42.18 12.65
C LEU F 4 -28.36 -41.60 12.31
N GLN F 5 -29.28 -41.70 13.26
CA GLN F 5 -30.61 -41.12 13.13
C GLN F 5 -30.85 -40.10 14.24
N VAL F 6 -31.52 -39.01 13.88
CA VAL F 6 -31.87 -37.96 14.83
C VAL F 6 -33.35 -38.11 15.15
N ILE F 7 -33.66 -38.48 16.38
CA ILE F 7 -35.02 -38.82 16.78
C ILE F 7 -35.60 -37.67 17.58
N GLN F 8 -36.63 -37.01 17.03
CA GLN F 8 -37.45 -36.08 17.79
C GLN F 8 -38.76 -36.76 18.11
N PRO F 9 -38.96 -37.28 19.33
CA PRO F 9 -40.11 -38.14 19.59
C PRO F 9 -41.44 -37.41 19.58
N ASP F 10 -41.46 -36.09 19.74
CA ASP F 10 -42.70 -35.34 19.80
C ASP F 10 -42.94 -34.62 18.48
N LYS F 11 -44.03 -35.00 17.80
CA LYS F 11 -44.40 -34.30 16.57
C LYS F 11 -44.92 -32.90 16.85
N SER F 12 -45.53 -32.69 18.01
CA SER F 12 -46.13 -31.41 18.36
C SER F 12 -45.94 -31.14 19.84
N VAL F 13 -45.74 -29.87 20.18
CA VAL F 13 -45.57 -29.43 21.56
C VAL F 13 -46.40 -28.16 21.77
N LEU F 14 -47.25 -28.17 22.79
CA LEU F 14 -48.09 -27.03 23.14
C LEU F 14 -47.59 -26.44 24.45
N VAL F 15 -47.25 -25.15 24.43
CA VAL F 15 -46.65 -24.47 25.57
C VAL F 15 -47.44 -23.20 25.86
N ALA F 16 -47.70 -22.94 27.14
CA ALA F 16 -48.30 -21.68 27.54
C ALA F 16 -47.30 -20.54 27.39
N ALA F 17 -47.80 -19.37 27.00
CA ALA F 17 -46.93 -18.22 26.79
C ALA F 17 -46.22 -17.84 28.09
N GLY F 18 -44.92 -17.54 27.96
CA GLY F 18 -44.10 -17.21 29.10
C GLY F 18 -43.39 -18.38 29.74
N GLU F 19 -43.85 -19.60 29.49
CA GLU F 19 -43.22 -20.78 30.06
C GLU F 19 -42.07 -21.26 29.18
N THR F 20 -41.40 -22.32 29.62
CA THR F 20 -40.24 -22.86 28.93
C THR F 20 -40.65 -24.05 28.07
N ALA F 21 -40.24 -24.04 26.80
CA ALA F 21 -40.54 -25.13 25.89
C ALA F 21 -39.36 -26.10 25.85
N THR F 22 -39.66 -27.39 26.05
CA THR F 22 -38.65 -28.44 25.98
C THR F 22 -38.80 -29.16 24.65
N LEU F 23 -37.74 -29.13 23.85
CA LEU F 23 -37.71 -29.77 22.53
C LEU F 23 -36.81 -31.00 22.63
N ARG F 24 -37.44 -32.18 22.71
CA ARG F 24 -36.69 -33.41 22.92
C ARG F 24 -36.04 -33.88 21.62
N CYS F 25 -34.80 -34.37 21.74
CA CYS F 25 -34.04 -34.86 20.60
C CYS F 25 -33.02 -35.86 21.10
N THR F 26 -32.87 -36.97 20.38
CA THR F 26 -31.95 -38.03 20.75
C THR F 26 -31.29 -38.59 19.50
N ALA F 27 -29.97 -38.80 19.58
CA ALA F 27 -29.23 -39.44 18.51
C ALA F 27 -29.13 -40.95 18.78
N THR F 28 -29.19 -41.72 17.70
CA THR F 28 -29.10 -43.17 17.80
C THR F 28 -27.68 -43.70 17.74
N SER F 29 -26.69 -42.83 17.50
CA SER F 29 -25.31 -43.26 17.37
C SER F 29 -24.38 -42.11 17.73
N LEU F 30 -23.15 -42.46 18.10
CA LEU F 30 -22.11 -41.47 18.35
C LEU F 30 -21.29 -41.16 17.11
N ILE F 31 -21.45 -41.95 16.06
CA ILE F 31 -20.68 -41.81 14.82
C ILE F 31 -21.63 -41.30 13.73
N PRO F 32 -21.24 -40.29 12.94
CA PRO F 32 -19.92 -39.63 13.02
C PRO F 32 -19.82 -38.63 14.17
N VAL F 33 -18.58 -38.30 14.56
CA VAL F 33 -18.36 -37.29 15.58
C VAL F 33 -18.71 -35.91 15.00
N GLY F 34 -19.42 -35.11 15.78
CA GLY F 34 -19.75 -33.77 15.36
C GLY F 34 -20.73 -33.07 16.29
N PRO F 35 -20.78 -31.73 16.21
CA PRO F 35 -21.71 -30.98 17.05
C PRO F 35 -23.12 -30.92 16.48
N ILE F 36 -24.02 -30.23 17.17
CA ILE F 36 -25.43 -30.17 16.77
C ILE F 36 -25.83 -28.72 16.59
N GLN F 37 -26.93 -28.52 15.85
CA GLN F 37 -27.55 -27.22 15.67
C GLN F 37 -29.06 -27.40 15.63
N TRP F 38 -29.78 -26.38 16.08
CA TRP F 38 -31.24 -26.36 16.04
C TRP F 38 -31.70 -25.23 15.12
N PHE F 39 -32.71 -25.52 14.30
CA PHE F 39 -33.28 -24.54 13.40
C PHE F 39 -34.80 -24.54 13.53
N ARG F 40 -35.39 -23.37 13.29
CA ARG F 40 -36.83 -23.28 13.09
C ARG F 40 -37.08 -23.25 11.58
N GLY F 41 -37.77 -24.26 11.07
CA GLY F 41 -37.99 -24.41 9.66
C GLY F 41 -36.80 -25.03 8.95
N ALA F 42 -37.08 -25.54 7.75
CA ALA F 42 -36.04 -26.05 6.87
C ALA F 42 -36.01 -25.22 5.59
N GLY F 43 -34.88 -25.28 4.90
CA GLY F 43 -34.71 -24.51 3.69
C GLY F 43 -33.81 -23.31 3.91
N PRO F 44 -33.56 -22.55 2.85
CA PRO F 44 -32.56 -21.47 2.95
C PRO F 44 -32.91 -20.39 3.95
N GLY F 45 -34.19 -20.12 4.18
CA GLY F 45 -34.59 -19.05 5.08
C GLY F 45 -34.75 -19.45 6.53
N ARG F 46 -34.27 -20.63 6.92
CA ARG F 46 -34.47 -21.12 8.27
C ARG F 46 -33.71 -20.28 9.28
N GLU F 47 -34.24 -20.24 10.51
CA GLU F 47 -33.68 -19.46 11.59
C GLU F 47 -32.86 -20.37 12.51
N LEU F 48 -31.60 -19.99 12.75
CA LEU F 48 -30.74 -20.71 13.68
C LEU F 48 -31.23 -20.47 15.10
N ILE F 49 -31.69 -21.53 15.74
CA ILE F 49 -32.19 -21.44 17.12
C ILE F 49 -31.08 -21.71 18.13
N TYR F 50 -30.18 -22.64 17.81
CA TYR F 50 -29.09 -22.96 18.71
C TYR F 50 -27.96 -23.60 17.91
N ASN F 51 -26.73 -23.20 18.25
CA ASN F 51 -25.52 -23.80 17.71
C ASN F 51 -24.64 -24.14 18.91
N GLN F 52 -24.26 -25.42 19.02
CA GLN F 52 -23.56 -25.90 20.21
C GLN F 52 -22.23 -25.19 20.41
N LYS F 53 -21.49 -24.94 19.33
CA LYS F 53 -20.10 -24.51 19.43
C LYS F 53 -19.90 -23.00 19.33
N GLU F 54 -20.79 -22.27 18.66
CA GLU F 54 -20.57 -20.83 18.49
C GLU F 54 -21.90 -20.15 18.23
N GLY F 55 -22.01 -18.91 18.70
CA GLY F 55 -23.22 -18.13 18.50
C GLY F 55 -23.85 -17.67 19.79
N HIS F 56 -24.70 -16.64 19.71
CA HIS F 56 -25.35 -16.07 20.88
C HIS F 56 -26.79 -16.59 20.93
N PHE F 57 -27.09 -17.39 21.96
CA PHE F 57 -28.42 -17.96 22.15
C PHE F 57 -28.76 -17.90 23.63
N PRO F 58 -29.06 -16.69 24.13
CA PRO F 58 -29.26 -16.53 25.59
C PRO F 58 -30.54 -17.15 26.12
N ARG F 59 -31.48 -17.51 25.25
CA ARG F 59 -32.73 -18.12 25.69
C ARG F 59 -32.69 -19.64 25.72
N VAL F 60 -31.61 -20.25 25.24
CA VAL F 60 -31.55 -21.69 25.03
C VAL F 60 -30.60 -22.30 26.05
N THR F 61 -31.04 -23.40 26.67
CA THR F 61 -30.20 -24.24 27.50
C THR F 61 -30.34 -25.68 27.03
N THR F 62 -29.27 -26.45 27.19
CA THR F 62 -29.29 -27.86 26.84
C THR F 62 -29.66 -28.70 28.06
N VAL F 63 -30.48 -29.73 27.83
CA VAL F 63 -30.92 -30.57 28.93
C VAL F 63 -29.75 -31.37 29.51
N SER F 64 -28.83 -31.79 28.65
CA SER F 64 -27.67 -32.57 29.06
CA SER F 64 -27.67 -32.57 29.06
C SER F 64 -26.39 -31.84 28.70
N ASP F 65 -25.27 -32.36 29.23
CA ASP F 65 -23.95 -31.84 28.92
C ASP F 65 -23.54 -32.38 27.56
N LEU F 66 -23.43 -31.49 26.57
CA LEU F 66 -23.23 -31.93 25.19
C LEU F 66 -21.84 -32.51 24.94
N THR F 67 -20.86 -32.20 25.80
CA THR F 67 -19.52 -32.76 25.67
C THR F 67 -19.21 -33.78 26.76
N LYS F 68 -20.20 -34.18 27.56
CA LYS F 68 -20.03 -35.34 28.41
C LYS F 68 -19.82 -36.57 27.56
N ARG F 69 -19.01 -37.51 28.04
CA ARG F 69 -18.64 -38.67 27.26
C ARG F 69 -19.88 -39.44 26.82
N ASN F 70 -19.95 -39.74 25.52
CA ASN F 70 -20.99 -40.57 24.93
C ASN F 70 -22.38 -39.96 25.05
N ASN F 71 -22.46 -38.63 25.03
CA ASN F 71 -23.76 -37.97 25.12
C ASN F 71 -24.57 -38.18 23.85
N MET F 72 -25.83 -38.55 23.99
CA MET F 72 -26.74 -38.71 22.88
C MET F 72 -27.98 -37.83 23.01
N ASP F 73 -28.08 -37.05 24.09
CA ASP F 73 -29.24 -36.18 24.32
C ASP F 73 -28.97 -34.83 23.69
N PHE F 74 -29.73 -34.51 22.64
CA PHE F 74 -29.64 -33.22 21.97
C PHE F 74 -30.78 -32.28 22.35
N SER F 75 -31.52 -32.61 23.42
CA SER F 75 -32.68 -31.82 23.78
C SER F 75 -32.27 -30.44 24.29
N ILE F 76 -33.10 -29.44 24.00
CA ILE F 76 -32.87 -28.07 24.41
C ILE F 76 -34.13 -27.53 25.07
N ARG F 77 -33.95 -26.44 25.82
CA ARG F 77 -35.04 -25.70 26.42
C ARG F 77 -34.99 -24.25 25.95
N ILE F 78 -36.15 -23.71 25.57
CA ILE F 78 -36.27 -22.31 25.15
C ILE F 78 -37.15 -21.60 26.17
N GLY F 79 -36.58 -20.62 26.87
CA GLY F 79 -37.30 -19.94 27.92
C GLY F 79 -38.11 -18.75 27.45
N ASN F 80 -39.14 -18.42 28.23
CA ASN F 80 -40.02 -17.29 27.97
C ASN F 80 -40.60 -17.35 26.56
N ILE F 81 -41.40 -18.38 26.33
CA ILE F 81 -42.00 -18.59 25.02
C ILE F 81 -43.09 -17.56 24.77
N THR F 82 -43.04 -16.92 23.62
CA THR F 82 -44.06 -16.02 23.12
C THR F 82 -44.74 -16.63 21.90
N PRO F 83 -45.91 -16.13 21.49
CA PRO F 83 -46.55 -16.64 20.27
C PRO F 83 -45.66 -16.54 19.03
N ALA F 84 -44.69 -15.64 19.02
CA ALA F 84 -43.77 -15.53 17.89
C ALA F 84 -42.81 -16.69 17.78
N ASP F 85 -42.70 -17.52 18.83
CA ASP F 85 -41.81 -18.67 18.82
C ASP F 85 -42.45 -19.90 18.17
N ALA F 86 -43.70 -19.80 17.74
CA ALA F 86 -44.37 -20.95 17.15
C ALA F 86 -43.76 -21.30 15.80
N GLY F 87 -43.71 -22.59 15.49
CA GLY F 87 -43.16 -23.05 14.24
C GLY F 87 -42.66 -24.48 14.38
N THR F 88 -41.97 -24.93 13.35
CA THR F 88 -41.40 -26.28 13.31
C THR F 88 -39.91 -26.20 13.57
N TYR F 89 -39.46 -26.88 14.63
CA TYR F 89 -38.07 -26.86 15.05
C TYR F 89 -37.40 -28.18 14.68
N TYR F 90 -36.20 -28.09 14.12
CA TYR F 90 -35.48 -29.26 13.62
C TYR F 90 -34.18 -29.45 14.39
N CYS F 91 -33.97 -30.66 14.89
CA CYS F 91 -32.74 -31.04 15.55
C CYS F 91 -31.79 -31.63 14.50
N VAL F 92 -30.64 -30.99 14.31
CA VAL F 92 -29.75 -31.30 13.19
C VAL F 92 -28.39 -31.69 13.74
N LYS F 93 -27.91 -32.87 13.32
CA LYS F 93 -26.56 -33.32 13.60
C LYS F 93 -25.62 -32.82 12.51
N PHE F 94 -24.49 -32.24 12.93
CA PHE F 94 -23.48 -31.75 12.01
C PHE F 94 -22.21 -32.57 12.14
N ARG F 95 -21.46 -32.64 11.04
CA ARG F 95 -20.14 -33.25 11.03
C ARG F 95 -19.12 -32.21 10.59
N LYS F 96 -17.85 -32.48 10.90
CA LYS F 96 -16.78 -31.58 10.48
C LYS F 96 -16.55 -31.71 8.98
N GLY F 97 -16.30 -30.59 8.34
CA GLY F 97 -16.07 -30.58 6.91
C GLY F 97 -15.31 -29.35 6.48
N SER F 98 -15.34 -29.09 5.17
CA SER F 98 -14.66 -27.95 4.59
C SER F 98 -15.61 -27.19 3.69
N PRO F 99 -15.60 -25.85 3.73
CA PRO F 99 -14.68 -25.04 4.57
C PRO F 99 -15.13 -24.90 6.02
N ASP F 100 -16.34 -25.37 6.34
CA ASP F 100 -16.87 -25.27 7.69
C ASP F 100 -17.72 -26.50 7.99
N ASP F 101 -18.46 -26.45 9.09
CA ASP F 101 -19.29 -27.57 9.49
C ASP F 101 -20.35 -27.87 8.44
N VAL F 102 -20.63 -29.16 8.25
CA VAL F 102 -21.55 -29.63 7.22
C VAL F 102 -22.69 -30.37 7.90
N GLU F 103 -23.94 -30.02 7.51
CA GLU F 103 -25.10 -30.72 8.03
C GLU F 103 -25.08 -32.18 7.60
N PHE F 104 -25.35 -33.08 8.55
CA PHE F 104 -25.31 -34.51 8.30
C PHE F 104 -26.69 -35.14 8.33
N LYS F 105 -27.40 -35.06 9.47
CA LYS F 105 -28.72 -35.64 9.59
C LYS F 105 -29.62 -34.69 10.38
N SER F 106 -30.89 -34.65 10.01
CA SER F 106 -31.88 -33.81 10.67
C SER F 106 -33.00 -34.66 11.22
N GLY F 107 -33.58 -34.21 12.33
CA GLY F 107 -34.75 -34.85 12.87
C GLY F 107 -35.99 -34.57 12.03
N ALA F 108 -37.05 -35.31 12.33
CA ALA F 108 -38.29 -35.18 11.57
C ALA F 108 -39.01 -33.86 11.84
N GLY F 109 -38.66 -33.15 12.91
CA GLY F 109 -39.25 -31.87 13.20
C GLY F 109 -40.28 -31.96 14.31
N THR F 110 -40.37 -30.88 15.09
CA THR F 110 -41.33 -30.76 16.18
C THR F 110 -42.06 -29.43 16.04
N GLU F 111 -43.37 -29.49 15.92
CA GLU F 111 -44.17 -28.27 15.75
C GLU F 111 -44.51 -27.71 17.13
N LEU F 112 -44.06 -26.49 17.39
CA LEU F 112 -44.29 -25.80 18.65
C LEU F 112 -45.49 -24.87 18.50
N SER F 113 -46.52 -25.12 19.29
CA SER F 113 -47.70 -24.25 19.34
C SER F 113 -47.75 -23.54 20.68
N VAL F 114 -48.37 -22.36 20.70
CA VAL F 114 -48.39 -21.49 21.86
C VAL F 114 -49.84 -21.11 22.16
N ARG F 115 -50.28 -21.36 23.39
CA ARG F 115 -51.56 -20.85 23.88
C ARG F 115 -51.27 -19.52 24.57
N ALA F 116 -51.47 -18.42 23.85
CA ALA F 116 -51.14 -17.09 24.35
C ALA F 116 -51.97 -16.72 25.56
#